data_7XEY
#
_entry.id   7XEY
#
_cell.length_a   82.357
_cell.length_b   91.863
_cell.length_c   94.271
_cell.angle_alpha   90.000
_cell.angle_beta   111.790
_cell.angle_gamma   90.000
#
_symmetry.space_group_name_H-M   'P 1 21 1'
#
loop_
_entity.id
_entity.type
_entity.pdbx_description
1 polymer 'Protein EDS1'
2 polymer 'Lipase-like PAD4'
3 non-polymer "ADENOSINE-5'-DIPHOSPHATE"
4 non-polymer 5-O-phosphono-beta-D-ribofuranose
5 non-polymer 2-AMINO-2-HYDROXYMETHYL-PROPANE-1,3-DIOL
6 water water
#
loop_
_entity_poly.entity_id
_entity_poly.type
_entity_poly.pdbx_seq_one_letter_code
_entity_poly.pdbx_strand_id
1 'polypeptide(L)'
;MAFEALTGINGDLITRSWSASKQAYLTERYHKEEAGAVVIFAFQPSFSEKDFFDPDNKSSFGEIKLNRVQFPCMRKIGKG
DVATVNEAFLKNLEAIIDPRTSFQASVEMAVRSRKQIVFTGHSSGGATAILATVWYLEKYFIRNPNVYLEPRCVTFGAPL
VGDSIFSHALGREKWSRFFVNFVSRFDIVPRIMLARKASVEETLPHVLAQLDPRKSSVQESEQRITEFYTRVMRDTSTVA
NQAVCELTGSAEAFLETLSSFLELSPYRPAGTFVFSTEKRLVAVNNSDAILQMLFYTSQASDEQEWSLIPFRSIRDHHSY
EELVQSMGKKLFNHLDGENSIESTLNDLGVSTRGRQYVQAALEEEKKRVENQKKIIQVIEQERFLKKLAWIEDEYKPKCQ
AHKNGYYDSFKVSNEENDFKANVKRAELAGVFDEVLGLMKKCQLPDEFEGDIDWIKLATRYRRLVEPLDIANYHRHLKNE
DTGPYMKRGRPTRYIYAQRGYEHYILKPNGMIAEDVFWNKVNGLNLGLQLEEIQETLKNSGSECGSCFWAEVEELKGKPY
EEVEVRVKTLEGMLGEWITDGEVDDKEIFLEGSTFRKWWITLPKNHKSHSPLRDYMMDEITDT
;
A
2 'polypeptide(L)'
;MDDCRFETSELQASVMISTPLFTDSWSSCNTANCNGSIKIHDIAGITYVAIPAVSMIQLGNLVGLPVTGDVLFPGLSSDE
PLPMVDAAILKLFLQLKIKEGLELELLGKKLVVITGHSTGGALAAFTALWLLSQSSPPSFRVFCITFGSPLLGNQSLSTS
ISRSRLAHNFCHVVSIHDLVPRSSNEQFWPFGTYLFCSDKGGVCLDNAGSVRLMFNILNTTATQNTEEHQRYGHYVFTLS
HMFLKSRSFLGGSIPDNSYQAGVALAVEALGFSNDDTSGVLVKECIETATRIVRAPILRSAELANELASVLPARLEIQWY
KDRCDASEEQLGYYDFFKRYSLKRDFKVNMSRIRLAKFWDTVIKMVETNELPFDFHLGKKWIYASQFYQLLAEPLDIANF
YKNRDIKTGGHYLEGNRPKRYEVIDKWQKGVKVPEECVRSRYASTTQDTCFWAKLEQAKEWLDEARKESSDPQRRSLLRE
KIVPFESYANTLVTKKEVSLDVKAKNSSYSVWEANLKEFKCKMGYENEIEMVVDESDAMET
;
B
#
loop_
_chem_comp.id
_chem_comp.type
_chem_comp.name
_chem_comp.formula
ADP non-polymer ADENOSINE-5'-DIPHOSPHATE 'C10 H15 N5 O10 P2'
RP5 D-saccharide, beta linking 5-O-phosphono-beta-D-ribofuranose 'C5 H11 O8 P'
TRS non-polymer 2-AMINO-2-HYDROXYMETHYL-PROPANE-1,3-DIOL 'C4 H12 N O3 1'
#
# COMPACT_ATOMS: atom_id res chain seq x y z
N ALA A 2 38.81 -8.16 7.63
CA ALA A 2 38.09 -7.33 6.65
C ALA A 2 36.75 -7.98 6.33
N PHE A 3 36.80 -9.03 5.52
CA PHE A 3 35.65 -9.91 5.39
C PHE A 3 35.18 -10.35 6.77
N GLU A 4 36.09 -10.88 7.58
CA GLU A 4 35.75 -11.28 8.94
C GLU A 4 35.20 -10.11 9.74
N ALA A 5 35.88 -8.96 9.67
CA ALA A 5 35.38 -7.79 10.37
C ALA A 5 33.91 -7.54 10.08
N LEU A 6 33.53 -7.67 8.80
CA LEU A 6 32.17 -7.37 8.35
C LEU A 6 31.19 -8.48 8.70
N THR A 7 31.63 -9.74 8.68
CA THR A 7 30.69 -10.86 8.81
C THR A 7 30.84 -11.67 10.09
N GLY A 8 31.84 -11.39 10.93
CA GLY A 8 32.11 -12.25 12.07
C GLY A 8 32.40 -13.69 11.68
N ILE A 9 33.09 -13.87 10.56
CA ILE A 9 33.36 -15.18 9.96
C ILE A 9 34.73 -15.12 9.30
N ASN A 10 35.64 -16.01 9.65
CA ASN A 10 36.96 -15.99 9.02
C ASN A 10 37.09 -17.05 7.95
N GLY A 11 38.20 -16.98 7.21
CA GLY A 11 38.44 -17.91 6.14
C GLY A 11 38.47 -19.37 6.56
N ASP A 12 38.97 -19.66 7.77
CA ASP A 12 38.99 -21.05 8.21
C ASP A 12 37.56 -21.57 8.32
N LEU A 13 36.69 -20.78 8.96
CA LEU A 13 35.27 -21.13 9.04
C LEU A 13 34.67 -21.31 7.65
N ILE A 14 35.04 -20.46 6.70
CA ILE A 14 34.48 -20.58 5.34
C ILE A 14 34.90 -21.90 4.71
N THR A 15 36.20 -22.23 4.82
CA THR A 15 36.73 -23.46 4.22
C THR A 15 36.12 -24.69 4.86
N ARG A 16 36.00 -24.69 6.19
CA ARG A 16 35.39 -25.83 6.87
C ARG A 16 33.92 -25.96 6.48
N SER A 17 33.20 -24.85 6.38
CA SER A 17 31.82 -24.91 5.90
C SER A 17 31.76 -25.51 4.50
N TRP A 18 32.68 -25.13 3.61
CA TRP A 18 32.68 -25.70 2.27
C TRP A 18 32.96 -27.20 2.29
N SER A 19 33.90 -27.65 3.13
CA SER A 19 34.18 -29.08 3.22
C SER A 19 32.96 -29.83 3.73
N ALA A 20 32.36 -29.31 4.80
CA ALA A 20 31.15 -29.93 5.33
C ALA A 20 30.07 -30.01 4.27
N SER A 21 29.91 -28.93 3.50
CA SER A 21 28.88 -28.92 2.45
C SER A 21 29.18 -29.99 1.41
N LYS A 22 30.43 -30.07 0.95
CA LYS A 22 30.87 -31.19 0.12
C LYS A 22 30.58 -32.52 0.82
N GLN A 23 30.90 -32.61 2.12
CA GLN A 23 30.64 -33.85 2.85
C GLN A 23 29.18 -34.27 2.76
N ALA A 24 28.27 -33.29 2.76
CA ALA A 24 26.86 -33.62 2.90
C ALA A 24 26.26 -34.25 1.65
N TYR A 25 26.94 -34.17 0.50
CA TYR A 25 26.50 -34.93 -0.67
C TYR A 25 26.39 -36.42 -0.35
N LEU A 26 27.39 -36.96 0.35
CA LEU A 26 27.48 -38.39 0.62
C LEU A 26 26.51 -38.85 1.70
N THR A 27 26.30 -38.05 2.73
CA THR A 27 25.33 -38.41 3.75
C THR A 27 23.91 -38.16 3.23
N GLU A 28 22.93 -38.65 3.98
CA GLU A 28 21.54 -38.29 3.75
C GLU A 28 21.12 -37.25 4.77
N ARG A 29 20.39 -36.24 4.30
CA ARG A 29 19.87 -35.13 5.08
C ARG A 29 20.98 -34.18 5.53
N TYR A 30 21.77 -34.57 6.52
CA TYR A 30 22.78 -33.66 7.04
C TYR A 30 24.02 -34.39 7.49
N HIS A 31 25.10 -33.62 7.63
CA HIS A 31 26.38 -34.10 8.11
C HIS A 31 26.90 -33.14 9.16
N LYS A 32 27.34 -33.68 10.30
CA LYS A 32 27.81 -32.90 11.44
C LYS A 32 29.33 -32.94 11.54
N GLU A 33 29.96 -31.77 11.62
CA GLU A 33 31.41 -31.59 11.74
C GLU A 33 31.69 -30.83 13.03
N GLU A 34 32.26 -31.51 14.02
CA GLU A 34 32.71 -30.87 15.24
C GLU A 34 34.20 -30.58 15.13
N ALA A 35 34.60 -29.36 15.49
CA ALA A 35 36.00 -28.95 15.35
C ALA A 35 36.23 -27.75 16.26
N GLY A 36 36.90 -28.00 17.39
CA GLY A 36 37.23 -26.90 18.28
C GLY A 36 35.98 -26.33 18.94
N ALA A 37 35.92 -25.01 18.98
CA ALA A 37 34.75 -24.31 19.48
C ALA A 37 33.54 -24.41 18.53
N VAL A 38 33.65 -25.10 17.39
CA VAL A 38 32.69 -25.01 16.29
C VAL A 38 32.04 -26.37 16.07
N VAL A 39 30.72 -26.36 15.94
CA VAL A 39 29.96 -27.48 15.38
C VAL A 39 29.25 -27.00 14.11
N ILE A 40 29.46 -27.71 13.01
CA ILE A 40 28.94 -27.35 11.71
C ILE A 40 27.92 -28.39 11.30
N PHE A 41 26.73 -27.93 10.87
CA PHE A 41 25.70 -28.81 10.31
C PHE A 41 25.54 -28.45 8.84
N ALA A 42 25.99 -29.34 7.96
CA ALA A 42 25.86 -29.15 6.52
C ALA A 42 24.73 -30.02 6.01
N PHE A 43 24.03 -29.54 4.98
CA PHE A 43 22.78 -30.16 4.55
C PHE A 43 22.88 -30.66 3.12
N GLN A 44 22.27 -31.82 2.88
CA GLN A 44 22.42 -32.46 1.59
C GLN A 44 21.59 -31.73 0.53
N PRO A 45 22.19 -31.37 -0.60
CA PRO A 45 21.39 -30.84 -1.73
C PRO A 45 20.65 -31.96 -2.43
N SER A 46 19.60 -31.56 -3.12
CA SER A 46 18.87 -32.43 -4.02
C SER A 46 18.77 -31.77 -5.39
N PHE A 47 18.49 -32.57 -6.41
CA PHE A 47 18.47 -32.09 -7.78
C PHE A 47 17.32 -32.70 -8.55
N SER A 48 16.19 -32.89 -7.89
CA SER A 48 14.94 -33.26 -8.53
C SER A 48 13.96 -32.11 -8.38
N GLU A 49 13.06 -31.97 -9.36
CA GLU A 49 12.20 -30.79 -9.40
C GLU A 49 11.32 -30.70 -8.17
N LYS A 50 10.91 -31.85 -7.62
CA LYS A 50 10.07 -31.90 -6.43
C LYS A 50 10.71 -31.21 -5.23
N ASP A 51 12.02 -31.02 -5.25
CA ASP A 51 12.70 -30.40 -4.12
C ASP A 51 12.89 -28.91 -4.31
N PHE A 52 12.43 -28.36 -5.43
CA PHE A 52 12.37 -26.93 -5.67
C PHE A 52 10.95 -26.41 -5.74
N PHE A 53 10.07 -27.13 -6.44
CA PHE A 53 8.66 -26.77 -6.54
C PHE A 53 7.87 -27.95 -5.98
N ASP A 54 7.30 -27.79 -4.81
CA ASP A 54 6.61 -28.88 -4.17
C ASP A 54 5.45 -29.34 -5.03
N PRO A 55 5.44 -30.60 -5.49
CA PRO A 55 4.39 -31.05 -6.42
C PRO A 55 2.97 -30.82 -5.96
N ASP A 56 2.70 -30.82 -4.65
CA ASP A 56 1.35 -30.56 -4.18
C ASP A 56 1.07 -29.07 -3.95
N ASN A 57 2.07 -28.22 -4.15
CA ASN A 57 1.87 -26.79 -4.05
C ASN A 57 1.31 -26.28 -5.37
N LYS A 58 0.11 -25.70 -5.33
CA LYS A 58 -0.59 -25.23 -6.52
C LYS A 58 -0.35 -23.75 -6.83
N SER A 59 0.36 -23.03 -5.97
CA SER A 59 0.69 -21.64 -6.26
C SER A 59 1.73 -21.59 -7.38
N SER A 60 2.12 -20.39 -7.79
CA SER A 60 2.93 -20.26 -9.00
C SER A 60 4.43 -20.25 -8.72
N PHE A 61 4.84 -20.09 -7.47
CA PHE A 61 6.27 -20.01 -7.17
C PHE A 61 6.67 -21.01 -6.09
N GLY A 62 5.84 -22.02 -5.87
CA GLY A 62 6.13 -23.02 -4.86
C GLY A 62 6.21 -22.48 -3.45
N GLU A 63 5.47 -21.41 -3.15
CA GLU A 63 5.60 -20.66 -1.90
C GLU A 63 4.52 -21.01 -0.90
N ILE A 64 4.81 -20.77 0.38
CA ILE A 64 3.85 -21.01 1.46
C ILE A 64 4.17 -20.09 2.63
N LYS A 65 3.13 -19.66 3.33
CA LYS A 65 3.32 -18.80 4.48
C LYS A 65 3.86 -19.61 5.64
N LEU A 66 4.74 -19.01 6.44
CA LEU A 66 5.26 -19.73 7.60
C LEU A 66 4.18 -19.95 8.64
N ASN A 67 4.39 -20.96 9.48
CA ASN A 67 3.52 -21.23 10.62
C ASN A 67 3.73 -20.18 11.71
N ARG A 68 2.68 -19.43 12.03
CA ARG A 68 2.82 -18.30 12.95
C ARG A 68 3.22 -18.75 14.35
N VAL A 69 2.84 -19.95 14.76
CA VAL A 69 3.19 -20.38 16.11
C VAL A 69 4.63 -20.88 16.17
N GLN A 70 5.10 -21.56 15.12
CA GLN A 70 6.46 -22.08 15.13
C GLN A 70 7.51 -21.04 14.72
N PHE A 71 7.12 -19.95 14.06
CA PHE A 71 8.06 -18.90 13.66
C PHE A 71 7.49 -17.53 14.04
N PRO A 72 7.35 -17.27 15.34
CA PRO A 72 6.57 -16.08 15.76
C PRO A 72 7.25 -14.75 15.47
N CYS A 73 8.56 -14.72 15.20
CA CYS A 73 9.22 -13.48 14.77
C CYS A 73 9.20 -13.28 13.25
N MET A 74 8.88 -14.30 12.46
CA MET A 74 9.04 -14.22 11.02
C MET A 74 7.73 -13.66 10.45
N ARG A 75 7.57 -12.35 10.60
CA ARG A 75 6.32 -11.63 10.34
C ARG A 75 6.59 -10.14 10.48
N LYS A 76 5.71 -9.34 9.86
CA LYS A 76 5.58 -7.93 10.20
C LYS A 76 4.82 -7.83 11.52
N ILE A 77 5.30 -7.00 12.44
CA ILE A 77 4.68 -6.94 13.75
C ILE A 77 3.37 -6.15 13.69
N GLY A 78 3.46 -4.86 13.38
CA GLY A 78 2.25 -4.03 13.38
C GLY A 78 1.22 -4.53 12.38
N LYS A 79 1.66 -4.79 11.15
CA LYS A 79 0.75 -5.23 10.09
C LYS A 79 0.29 -6.68 10.30
N GLY A 80 1.12 -7.52 10.89
CA GLY A 80 0.73 -8.87 11.17
C GLY A 80 1.16 -9.90 10.14
N ASP A 81 1.28 -9.51 8.86
CA ASP A 81 1.57 -10.45 7.77
C ASP A 81 2.78 -11.35 8.07
N VAL A 82 2.59 -12.67 7.89
CA VAL A 82 3.66 -13.63 8.14
C VAL A 82 4.57 -13.74 6.92
N ALA A 83 5.81 -14.13 7.14
CA ALA A 83 6.73 -14.33 6.03
C ALA A 83 6.33 -15.57 5.21
N THR A 84 6.89 -15.65 4.00
CA THR A 84 6.62 -16.72 3.06
C THR A 84 7.95 -17.34 2.61
N VAL A 85 7.96 -18.66 2.41
CA VAL A 85 9.16 -19.39 2.01
C VAL A 85 8.81 -20.49 1.02
N ASN A 86 9.84 -20.97 0.33
CA ASN A 86 9.73 -22.16 -0.50
C ASN A 86 9.23 -23.35 0.32
N GLU A 87 8.14 -23.97 -0.13
CA GLU A 87 7.57 -25.05 0.67
C GLU A 87 8.40 -26.31 0.57
N ALA A 88 9.05 -26.56 -0.57
CA ALA A 88 9.88 -27.76 -0.66
C ALA A 88 11.06 -27.68 0.31
N PHE A 89 11.71 -26.51 0.40
CA PHE A 89 12.83 -26.33 1.32
C PHE A 89 12.36 -26.46 2.76
N LEU A 90 11.21 -25.86 3.08
CA LEU A 90 10.63 -26.02 4.41
C LEU A 90 10.38 -27.48 4.73
N LYS A 91 9.81 -28.23 3.78
CA LYS A 91 9.47 -29.63 4.05
C LYS A 91 10.72 -30.45 4.28
N ASN A 92 11.78 -30.17 3.51
CA ASN A 92 13.05 -30.82 3.75
C ASN A 92 13.55 -30.55 5.17
N LEU A 93 13.53 -29.27 5.59
CA LEU A 93 13.93 -28.95 6.95
C LEU A 93 13.09 -29.68 7.97
N GLU A 94 11.79 -29.82 7.72
CA GLU A 94 10.92 -30.49 8.68
C GLU A 94 11.27 -31.97 8.79
N ALA A 95 11.59 -32.62 7.66
CA ALA A 95 12.02 -34.02 7.73
C ALA A 95 13.33 -34.16 8.50
N ILE A 96 14.20 -33.16 8.42
CA ILE A 96 15.47 -33.24 9.16
C ILE A 96 15.23 -32.98 10.65
N ILE A 97 14.35 -32.04 10.97
CA ILE A 97 14.05 -31.69 12.35
C ILE A 97 13.36 -32.83 13.08
N ASP A 98 12.63 -33.67 12.32
CA ASP A 98 11.85 -34.81 12.83
C ASP A 98 12.61 -35.51 13.95
N PRO A 99 11.96 -35.78 15.08
CA PRO A 99 12.68 -36.37 16.24
C PRO A 99 13.30 -37.74 15.97
N ARG A 100 12.86 -38.45 14.93
CA ARG A 100 13.45 -39.75 14.62
C ARG A 100 14.82 -39.63 13.96
N THR A 101 15.31 -38.41 13.74
CA THR A 101 16.70 -38.20 13.37
C THR A 101 17.45 -37.73 14.60
N SER A 102 18.76 -37.70 14.50
CA SER A 102 19.57 -37.24 15.63
C SER A 102 19.84 -35.75 15.61
N PHE A 103 19.18 -34.99 14.71
CA PHE A 103 19.54 -33.58 14.50
C PHE A 103 19.27 -32.73 15.72
N GLN A 104 18.05 -32.80 16.25
CA GLN A 104 17.71 -31.96 17.39
C GLN A 104 18.61 -32.24 18.58
N ALA A 105 18.86 -33.53 18.89
CA ALA A 105 19.74 -33.87 20.00
C ALA A 105 21.12 -33.27 19.80
N SER A 106 21.66 -33.37 18.59
CA SER A 106 23.01 -32.90 18.37
C SER A 106 23.09 -31.39 18.54
N VAL A 107 22.08 -30.68 18.03
CA VAL A 107 22.06 -29.23 18.18
C VAL A 107 21.96 -28.84 19.65
N GLU A 108 21.07 -29.52 20.38
CA GLU A 108 20.92 -29.27 21.80
C GLU A 108 22.24 -29.51 22.55
N MET A 109 22.97 -30.55 22.16
CA MET A 109 24.20 -30.83 22.88
C MET A 109 25.20 -29.73 22.64
N ALA A 110 25.32 -29.30 21.38
CA ALA A 110 26.28 -28.24 21.10
C ALA A 110 25.91 -26.94 21.81
N VAL A 111 24.61 -26.66 21.90
CA VAL A 111 24.18 -25.52 22.72
C VAL A 111 24.58 -25.72 24.19
N ARG A 112 24.40 -26.94 24.70
CA ARG A 112 24.75 -27.19 26.11
C ARG A 112 26.23 -26.99 26.38
N SER A 113 27.08 -27.07 25.34
CA SER A 113 28.53 -26.96 25.46
C SER A 113 29.07 -25.61 25.00
N ARG A 114 28.20 -24.59 24.93
CA ARG A 114 28.58 -23.23 24.50
C ARG A 114 29.33 -23.21 23.16
N LYS A 115 28.99 -24.17 22.30
CA LYS A 115 29.59 -24.25 20.97
C LYS A 115 29.10 -23.13 20.05
N GLN A 116 29.96 -22.76 19.11
CA GLN A 116 29.59 -21.88 18.00
C GLN A 116 28.96 -22.76 16.92
N ILE A 117 27.66 -22.58 16.67
CA ILE A 117 26.92 -23.41 15.73
C ILE A 117 26.95 -22.74 14.35
N VAL A 118 27.27 -23.53 13.33
CA VAL A 118 27.23 -23.09 11.95
C VAL A 118 26.31 -24.02 11.18
N PHE A 119 25.42 -23.44 10.37
CA PHE A 119 24.65 -24.18 9.39
C PHE A 119 25.16 -23.81 8.01
N THR A 120 25.25 -24.80 7.13
CA THR A 120 25.92 -24.54 5.86
C THR A 120 25.38 -25.50 4.83
N GLY A 121 25.71 -25.21 3.58
CA GLY A 121 25.13 -25.99 2.51
C GLY A 121 25.46 -25.46 1.15
N HIS A 122 25.45 -26.35 0.17
CA HIS A 122 25.62 -26.00 -1.22
C HIS A 122 24.30 -26.21 -1.92
N SER A 123 23.96 -25.33 -2.86
CA SER A 123 22.75 -25.51 -3.69
C SER A 123 21.53 -25.56 -2.76
N SER A 124 20.61 -26.50 -2.91
CA SER A 124 19.41 -26.40 -2.09
C SER A 124 19.69 -26.70 -0.62
N GLY A 125 20.80 -27.40 -0.33
CA GLY A 125 21.19 -27.56 1.08
C GLY A 125 21.51 -26.23 1.72
N GLY A 126 22.11 -25.31 0.95
CA GLY A 126 22.27 -23.94 1.42
C GLY A 126 20.94 -23.32 1.77
N ALA A 127 19.94 -23.53 0.92
CA ALA A 127 18.59 -23.07 1.25
C ALA A 127 18.11 -23.74 2.53
N THR A 128 18.35 -25.05 2.68
CA THR A 128 17.91 -25.70 3.90
C THR A 128 18.62 -25.08 5.08
N ALA A 129 19.90 -24.74 4.91
CA ALA A 129 20.65 -24.10 5.98
C ALA A 129 19.96 -22.82 6.41
N ILE A 130 19.54 -22.00 5.43
CA ILE A 130 18.90 -20.73 5.78
C ILE A 130 17.72 -21.00 6.70
N LEU A 131 16.85 -21.94 6.30
CA LEU A 131 15.70 -22.20 7.16
C LEU A 131 16.13 -22.73 8.53
N ALA A 132 17.13 -23.64 8.55
CA ALA A 132 17.58 -24.20 9.82
C ALA A 132 18.06 -23.09 10.75
N THR A 133 18.78 -22.11 10.20
CA THR A 133 19.23 -21.02 11.06
C THR A 133 18.03 -20.33 11.72
N VAL A 134 17.00 -20.03 10.93
CA VAL A 134 15.82 -19.38 11.51
C VAL A 134 15.19 -20.27 12.57
N TRP A 135 15.08 -21.57 12.27
CA TRP A 135 14.55 -22.50 13.27
C TRP A 135 15.33 -22.37 14.57
N TYR A 136 16.65 -22.33 14.45
CA TYR A 136 17.50 -22.27 15.63
C TYR A 136 17.32 -20.93 16.34
N LEU A 137 17.21 -19.85 15.55
CA LEU A 137 17.06 -18.53 16.16
C LEU A 137 15.74 -18.45 16.90
N GLU A 138 14.71 -19.16 16.42
CA GLU A 138 13.46 -19.13 17.14
C GLU A 138 13.47 -20.08 18.33
N LYS A 139 14.19 -21.20 18.21
CA LYS A 139 14.12 -22.17 19.30
C LYS A 139 14.98 -21.70 20.47
N TYR A 140 16.18 -21.23 20.17
CA TYR A 140 17.21 -20.97 21.17
C TYR A 140 17.51 -19.49 21.39
N PHE A 141 17.85 -18.76 20.32
CA PHE A 141 18.49 -17.46 20.52
C PHE A 141 17.53 -16.45 21.14
N ILE A 142 16.32 -16.32 20.60
CA ILE A 142 15.40 -15.33 21.12
C ILE A 142 15.04 -15.60 22.58
N ARG A 143 15.26 -16.84 23.05
CA ARG A 143 14.93 -17.17 24.44
C ARG A 143 16.03 -16.74 25.41
N ASN A 144 17.30 -16.76 24.98
CA ASN A 144 18.42 -16.39 25.84
C ASN A 144 19.53 -15.81 24.97
N PRO A 145 19.32 -14.62 24.40
CA PRO A 145 20.34 -14.07 23.50
C PRO A 145 21.62 -13.74 24.26
N ASN A 146 22.71 -14.35 23.82
CA ASN A 146 24.06 -14.05 24.28
C ASN A 146 25.00 -14.42 23.14
N VAL A 147 26.27 -14.01 23.28
CA VAL A 147 27.20 -14.09 22.17
C VAL A 147 27.56 -15.54 21.85
N TYR A 148 27.69 -16.39 22.89
CA TYR A 148 28.05 -17.79 22.64
C TYR A 148 26.97 -18.50 21.84
N LEU A 149 25.72 -18.08 22.00
CA LEU A 149 24.59 -18.69 21.33
C LEU A 149 24.38 -18.22 19.89
N GLU A 150 25.13 -17.23 19.41
CA GLU A 150 24.90 -16.69 18.07
C GLU A 150 25.23 -17.73 17.00
N PRO A 151 24.39 -17.90 16.00
CA PRO A 151 24.68 -18.86 14.95
C PRO A 151 25.51 -18.21 13.85
N ARG A 152 25.94 -19.05 12.91
CA ARG A 152 26.39 -18.59 11.60
C ARG A 152 25.74 -19.47 10.53
N CYS A 153 25.46 -18.86 9.39
CA CYS A 153 24.86 -19.55 8.24
C CYS A 153 25.66 -19.16 7.00
N VAL A 154 26.21 -20.15 6.31
CA VAL A 154 27.15 -19.91 5.22
C VAL A 154 26.69 -20.79 4.07
N THR A 155 26.23 -20.17 2.98
CA THR A 155 25.71 -20.91 1.85
C THR A 155 26.59 -20.66 0.62
N PHE A 156 26.49 -21.57 -0.34
CA PHE A 156 27.30 -21.51 -1.55
C PHE A 156 26.36 -21.80 -2.71
N GLY A 157 26.13 -20.80 -3.57
CA GLY A 157 25.19 -20.98 -4.67
C GLY A 157 23.82 -21.44 -4.24
N ALA A 158 23.31 -20.88 -3.16
CA ALA A 158 21.98 -21.33 -2.78
C ALA A 158 20.91 -20.64 -3.63
N PRO A 159 19.77 -21.31 -3.86
CA PRO A 159 18.62 -20.60 -4.42
C PRO A 159 18.01 -19.71 -3.35
N LEU A 160 17.13 -18.82 -3.78
CA LEU A 160 16.47 -17.92 -2.85
C LEU A 160 15.44 -18.70 -2.04
N VAL A 161 15.05 -18.15 -0.88
CA VAL A 161 14.29 -18.95 0.08
C VAL A 161 13.03 -18.27 0.59
N GLY A 162 13.17 -17.02 1.04
CA GLY A 162 12.08 -16.28 1.63
C GLY A 162 11.70 -15.06 0.80
N ASP A 163 10.65 -14.40 1.25
CA ASP A 163 10.11 -13.25 0.55
C ASP A 163 10.63 -11.96 1.18
N SER A 164 9.96 -10.84 0.93
CA SER A 164 10.42 -9.59 1.50
C SER A 164 10.13 -9.54 2.98
N ILE A 165 9.02 -10.13 3.41
CA ILE A 165 8.71 -10.12 4.82
C ILE A 165 9.72 -10.95 5.61
N PHE A 166 10.17 -12.07 5.04
CA PHE A 166 11.20 -12.91 5.66
C PHE A 166 12.49 -12.13 5.83
N SER A 167 12.94 -11.45 4.77
CA SER A 167 14.12 -10.61 4.86
C SER A 167 13.95 -9.49 5.88
N HIS A 168 12.78 -8.84 5.86
CA HIS A 168 12.51 -7.72 6.75
C HIS A 168 12.53 -8.16 8.20
N ALA A 169 11.99 -9.35 8.49
CA ALA A 169 11.94 -9.84 9.85
C ALA A 169 13.33 -10.24 10.34
N LEU A 170 14.15 -10.81 9.45
CA LEU A 170 15.57 -10.99 9.79
C LEU A 170 16.20 -9.66 10.18
N GLY A 171 15.88 -8.59 9.45
CA GLY A 171 16.42 -7.27 9.76
C GLY A 171 15.91 -6.69 11.07
N ARG A 172 14.63 -6.89 11.38
CA ARG A 172 14.06 -6.31 12.60
C ARG A 172 14.70 -6.91 13.85
N GLU A 173 14.78 -8.25 13.90
CA GLU A 173 15.39 -8.97 15.03
C GLU A 173 16.89 -8.84 15.06
N LYS A 174 17.48 -8.15 14.08
CA LYS A 174 18.93 -8.09 13.95
C LYS A 174 19.54 -9.49 13.88
N TRP A 175 18.91 -10.36 13.09
CA TRP A 175 19.46 -11.67 12.77
C TRP A 175 20.17 -11.71 11.41
N SER A 176 19.94 -10.72 10.54
CA SER A 176 20.55 -10.72 9.21
C SER A 176 22.06 -10.86 9.29
N ARG A 177 22.69 -10.30 10.32
CA ARG A 177 24.16 -10.33 10.43
C ARG A 177 24.72 -11.74 10.47
N PHE A 178 23.90 -12.74 10.80
CA PHE A 178 24.36 -14.12 10.91
C PHE A 178 24.41 -14.87 9.59
N PHE A 179 24.08 -14.24 8.46
CA PHE A 179 23.91 -14.96 7.20
C PHE A 179 24.86 -14.45 6.13
N VAL A 180 25.62 -15.37 5.52
CA VAL A 180 26.50 -15.06 4.41
C VAL A 180 26.17 -16.02 3.28
N ASN A 181 25.96 -15.49 2.07
CA ASN A 181 25.60 -16.30 0.90
C ASN A 181 26.59 -16.00 -0.23
N PHE A 182 27.43 -16.98 -0.54
CA PHE A 182 28.39 -16.84 -1.63
C PHE A 182 27.72 -17.16 -2.96
N VAL A 183 27.96 -16.33 -3.96
CA VAL A 183 27.37 -16.50 -5.28
C VAL A 183 28.48 -16.30 -6.29
N SER A 184 28.80 -17.33 -7.04
CA SER A 184 29.70 -17.17 -8.19
C SER A 184 28.97 -16.43 -9.30
N ARG A 185 29.62 -15.39 -9.83
CA ARG A 185 28.99 -14.44 -10.74
C ARG A 185 27.83 -15.00 -11.55
N PHE A 186 28.08 -16.00 -12.39
CA PHE A 186 27.11 -16.47 -13.37
C PHE A 186 26.28 -17.64 -12.90
N ASP A 187 26.40 -18.06 -11.64
CA ASP A 187 25.67 -19.22 -11.15
C ASP A 187 24.16 -19.02 -11.31
N ILE A 188 23.50 -20.00 -11.93
CA ILE A 188 22.10 -19.86 -12.29
C ILE A 188 21.18 -20.16 -11.12
N VAL A 189 21.65 -21.00 -10.19
CA VAL A 189 20.76 -21.48 -9.12
C VAL A 189 20.24 -20.34 -8.26
N PRO A 190 21.05 -19.37 -7.82
CA PRO A 190 20.48 -18.23 -7.10
C PRO A 190 19.41 -17.47 -7.90
N ARG A 191 19.38 -17.58 -9.22
CA ARG A 191 18.38 -16.90 -10.02
C ARG A 191 17.14 -17.73 -10.32
N ILE A 192 17.21 -19.05 -10.17
CA ILE A 192 16.16 -19.92 -10.70
C ILE A 192 14.80 -19.53 -10.13
N MET A 193 14.75 -19.31 -8.82
CA MET A 193 13.45 -19.13 -8.18
C MET A 193 12.83 -17.75 -8.44
N LEU A 194 13.51 -16.89 -9.19
CA LEU A 194 12.93 -15.64 -9.65
C LEU A 194 11.96 -15.83 -10.81
N ALA A 195 11.88 -17.03 -11.37
CA ALA A 195 11.04 -17.32 -12.52
C ALA A 195 9.75 -17.97 -12.07
N ARG A 196 8.69 -17.72 -12.84
CA ARG A 196 7.45 -18.46 -12.61
C ARG A 196 7.71 -19.95 -12.85
N LYS A 197 7.09 -20.77 -12.01
CA LYS A 197 7.13 -22.22 -12.22
C LYS A 197 6.83 -22.57 -13.68
N ALA A 198 5.72 -22.06 -14.21
CA ALA A 198 5.31 -22.35 -15.57
C ALA A 198 6.36 -21.95 -16.61
N SER A 199 7.16 -20.93 -16.33
CA SER A 199 8.17 -20.55 -17.32
C SER A 199 9.27 -21.59 -17.45
N VAL A 200 9.58 -22.32 -16.38
CA VAL A 200 10.76 -23.18 -16.35
C VAL A 200 10.40 -24.66 -16.20
N GLU A 201 9.11 -24.99 -16.09
CA GLU A 201 8.64 -26.35 -15.82
C GLU A 201 9.25 -27.36 -16.79
N GLU A 202 9.09 -27.13 -18.09
CA GLU A 202 9.51 -28.10 -19.10
C GLU A 202 10.99 -28.45 -18.98
N THR A 203 11.84 -27.44 -18.88
CA THR A 203 13.28 -27.67 -18.94
C THR A 203 13.96 -27.80 -17.58
N LEU A 204 13.26 -27.59 -16.46
CA LEU A 204 13.93 -27.64 -15.16
C LEU A 204 14.47 -29.02 -14.78
N PRO A 205 13.73 -30.11 -14.98
CA PRO A 205 14.31 -31.44 -14.65
C PRO A 205 15.65 -31.67 -15.32
N HIS A 206 15.76 -31.35 -16.62
CA HIS A 206 17.01 -31.59 -17.33
C HIS A 206 18.13 -30.73 -16.77
N VAL A 207 17.85 -29.48 -16.45
CA VAL A 207 18.91 -28.59 -15.98
C VAL A 207 19.34 -28.96 -14.56
N LEU A 208 18.39 -29.38 -13.73
CA LEU A 208 18.76 -29.85 -12.40
C LEU A 208 19.66 -31.07 -12.50
N ALA A 209 19.25 -32.05 -13.33
CA ALA A 209 20.11 -33.19 -13.62
C ALA A 209 21.49 -32.75 -14.06
N GLN A 210 21.57 -31.73 -14.90
CA GLN A 210 22.88 -31.22 -15.33
C GLN A 210 23.65 -30.59 -14.18
N LEU A 211 22.96 -30.04 -13.19
CA LEU A 211 23.65 -29.44 -12.07
C LEU A 211 24.03 -30.48 -11.00
N ASP A 212 23.39 -31.63 -11.01
CA ASP A 212 23.74 -32.72 -10.11
C ASP A 212 25.11 -33.29 -10.50
N PRO A 213 26.09 -33.33 -9.60
CA PRO A 213 27.38 -33.94 -9.99
C PRO A 213 27.29 -35.45 -10.09
N ARG A 214 26.47 -35.93 -11.05
CA ARG A 214 26.26 -37.36 -11.28
C ARG A 214 25.98 -37.56 -12.77
N LYS A 215 27.04 -37.84 -13.52
CA LYS A 215 26.98 -38.35 -14.90
C LYS A 215 26.36 -37.41 -15.92
N SER A 216 27.16 -36.47 -16.44
CA SER A 216 26.68 -35.53 -17.45
C SER A 216 26.83 -36.14 -18.83
N SER A 217 25.71 -36.29 -19.55
CA SER A 217 25.72 -36.77 -20.93
C SER A 217 24.46 -36.35 -21.66
N SER A 221 20.79 -30.68 -25.66
CA SER A 221 21.18 -30.31 -24.31
C SER A 221 21.52 -28.82 -24.26
N GLU A 222 22.36 -28.32 -25.18
CA GLU A 222 22.59 -26.88 -25.23
C GLU A 222 21.27 -26.14 -25.46
N GLN A 223 20.37 -26.71 -26.26
CA GLN A 223 19.06 -26.11 -26.42
C GLN A 223 18.33 -26.01 -25.08
N ARG A 224 18.34 -27.10 -24.30
CA ARG A 224 17.60 -27.08 -23.04
C ARG A 224 18.23 -26.12 -22.05
N ILE A 225 19.56 -26.11 -21.96
CA ILE A 225 20.25 -25.16 -21.10
C ILE A 225 19.93 -23.73 -21.52
N THR A 226 19.97 -23.46 -22.82
CA THR A 226 19.80 -22.10 -23.31
C THR A 226 18.35 -21.65 -23.15
N GLU A 227 17.40 -22.53 -23.42
CA GLU A 227 16.00 -22.20 -23.19
C GLU A 227 15.74 -21.92 -21.71
N PHE A 228 16.19 -22.83 -20.83
CA PHE A 228 16.01 -22.65 -19.40
C PHE A 228 16.62 -21.33 -18.94
N TYR A 229 17.87 -21.06 -19.32
CA TYR A 229 18.51 -19.81 -18.92
C TYR A 229 17.74 -18.59 -19.42
N THR A 230 17.32 -18.63 -20.70
CA THR A 230 16.54 -17.54 -21.30
C THR A 230 15.28 -17.28 -20.50
N ARG A 231 14.55 -18.34 -20.15
CA ARG A 231 13.28 -18.18 -19.44
C ARG A 231 13.49 -17.63 -18.04
N VAL A 232 14.52 -18.12 -17.33
CA VAL A 232 14.80 -17.59 -16.01
C VAL A 232 15.12 -16.11 -16.08
N MET A 233 15.94 -15.72 -17.05
CA MET A 233 16.31 -14.31 -17.10
C MET A 233 15.15 -13.45 -17.62
N ARG A 234 14.22 -14.00 -18.40
CA ARG A 234 13.11 -13.18 -18.86
C ARG A 234 12.23 -12.82 -17.67
N ASP A 235 11.83 -13.84 -16.91
CA ASP A 235 11.06 -13.57 -15.71
C ASP A 235 11.84 -12.71 -14.73
N THR A 236 13.15 -12.95 -14.58
CA THR A 236 13.95 -12.17 -13.65
C THR A 236 13.99 -10.70 -14.04
N SER A 237 14.06 -10.44 -15.35
CA SER A 237 13.95 -9.08 -15.87
C SER A 237 12.66 -8.41 -15.40
N THR A 238 11.53 -9.08 -15.64
CA THR A 238 10.25 -8.52 -15.17
C THR A 238 10.31 -8.18 -13.67
N VAL A 239 10.82 -9.13 -12.89
CA VAL A 239 10.86 -8.97 -11.44
C VAL A 239 11.73 -7.77 -11.05
N ALA A 240 12.90 -7.64 -11.68
CA ALA A 240 13.84 -6.60 -11.29
C ALA A 240 13.35 -5.23 -11.71
N ASN A 241 12.81 -5.13 -12.93
CA ASN A 241 12.30 -3.85 -13.40
C ASN A 241 11.16 -3.38 -12.52
N GLN A 242 10.18 -4.28 -12.28
CA GLN A 242 9.06 -3.92 -11.43
C GLN A 242 9.54 -3.54 -10.03
N ALA A 243 10.46 -4.33 -9.45
CA ALA A 243 10.87 -4.06 -8.07
C ALA A 243 11.53 -2.70 -7.95
N VAL A 244 12.45 -2.37 -8.86
CA VAL A 244 13.10 -1.09 -8.67
C VAL A 244 12.15 0.06 -8.97
N CYS A 245 11.21 -0.11 -9.92
CA CYS A 245 10.21 0.93 -10.11
C CYS A 245 9.38 1.11 -8.86
N GLU A 246 9.08 0.00 -8.19
CA GLU A 246 8.18 0.06 -7.04
C GLU A 246 8.85 0.66 -5.81
N LEU A 247 10.07 0.20 -5.50
CA LEU A 247 10.68 0.64 -4.24
C LEU A 247 11.03 2.12 -4.26
N THR A 248 11.23 2.71 -5.44
CA THR A 248 11.49 4.14 -5.51
C THR A 248 10.21 4.97 -5.53
N GLY A 249 9.04 4.33 -5.48
CA GLY A 249 7.79 5.08 -5.54
C GLY A 249 7.52 5.82 -6.84
N SER A 250 8.18 5.41 -7.92
CA SER A 250 7.93 5.95 -9.24
C SER A 250 6.68 5.34 -9.85
N ALA A 251 5.86 6.17 -10.50
CA ALA A 251 4.81 5.68 -11.38
C ALA A 251 3.84 4.74 -10.65
N GLU A 252 3.41 5.15 -9.46
CA GLU A 252 2.62 4.28 -8.59
C GLU A 252 1.31 3.83 -9.23
N ALA A 253 0.58 4.75 -9.89
CA ALA A 253 -0.71 4.40 -10.46
C ALA A 253 -0.55 3.37 -11.58
N PHE A 254 0.43 3.60 -12.46
CA PHE A 254 0.76 2.67 -13.52
C PHE A 254 1.11 1.29 -12.97
N LEU A 255 1.99 1.27 -11.97
CA LEU A 255 2.41 -0.02 -11.39
C LEU A 255 1.25 -0.72 -10.71
N GLU A 256 0.40 0.02 -9.99
CA GLU A 256 -0.70 -0.66 -9.32
C GLU A 256 -1.69 -1.24 -10.32
N THR A 257 -1.92 -0.56 -11.46
CA THR A 257 -2.80 -1.15 -12.48
C THR A 257 -2.16 -2.35 -13.17
N LEU A 258 -0.87 -2.24 -13.51
CA LEU A 258 -0.16 -3.36 -14.13
C LEU A 258 -0.05 -4.55 -13.20
N SER A 259 0.05 -4.32 -11.88
CA SER A 259 0.35 -5.38 -10.92
C SER A 259 -0.73 -6.45 -10.90
N SER A 260 -1.99 -6.01 -10.99
CA SER A 260 -3.12 -6.91 -11.08
C SER A 260 -2.90 -7.99 -12.13
N PHE A 261 -2.19 -7.64 -13.20
CA PHE A 261 -2.06 -8.50 -14.38
C PHE A 261 -0.80 -9.34 -14.36
N LEU A 262 0.09 -9.14 -13.39
CA LEU A 262 1.39 -9.79 -13.35
C LEU A 262 1.48 -10.79 -12.20
N GLU A 263 2.27 -11.84 -12.41
CA GLU A 263 2.63 -12.81 -11.37
C GLU A 263 4.13 -12.73 -11.22
N LEU A 264 4.61 -12.12 -10.15
CA LEU A 264 6.02 -11.87 -9.97
C LEU A 264 6.53 -12.62 -8.75
N SER A 265 7.74 -13.14 -8.86
CA SER A 265 8.25 -14.02 -7.82
C SER A 265 8.38 -13.24 -6.52
N PRO A 266 7.89 -13.77 -5.39
CA PRO A 266 8.08 -13.09 -4.12
C PRO A 266 9.46 -13.27 -3.51
N TYR A 267 10.31 -14.13 -4.07
CA TYR A 267 11.54 -14.48 -3.37
C TYR A 267 12.52 -13.32 -3.42
N ARG A 268 13.21 -13.10 -2.32
CA ARG A 268 14.15 -12.00 -2.14
C ARG A 268 15.42 -12.50 -1.48
N PRO A 269 16.56 -11.88 -1.78
CA PRO A 269 17.78 -12.22 -1.04
C PRO A 269 17.58 -12.00 0.45
N ALA A 270 18.15 -12.90 1.24
CA ALA A 270 18.07 -12.81 2.70
C ALA A 270 19.48 -12.91 3.26
N GLY A 271 19.92 -11.88 3.94
CA GLY A 271 21.26 -11.88 4.51
C GLY A 271 22.25 -11.21 3.58
N THR A 272 23.51 -11.29 3.98
CA THR A 272 24.56 -10.71 3.15
C THR A 272 24.87 -11.63 1.97
N PHE A 273 25.06 -11.04 0.79
CA PHE A 273 25.46 -11.77 -0.38
C PHE A 273 26.87 -11.35 -0.78
N VAL A 274 27.66 -12.33 -1.21
CA VAL A 274 29.04 -12.09 -1.58
C VAL A 274 29.19 -12.62 -3.00
N PHE A 275 29.40 -11.71 -3.94
CA PHE A 275 29.57 -12.05 -5.34
C PHE A 275 31.05 -12.26 -5.64
N SER A 276 31.35 -13.30 -6.41
CA SER A 276 32.73 -13.70 -6.67
C SER A 276 33.01 -13.66 -8.16
N THR A 277 34.02 -12.89 -8.55
CA THR A 277 34.60 -12.95 -9.89
C THR A 277 36.06 -13.38 -9.79
N GLU A 278 36.74 -13.38 -10.94
CA GLU A 278 38.14 -13.76 -10.98
C GLU A 278 39.01 -12.83 -10.15
N LYS A 279 38.57 -11.58 -9.94
CA LYS A 279 39.40 -10.60 -9.28
C LYS A 279 38.82 -9.99 -8.01
N ARG A 280 37.52 -10.13 -7.75
CA ARG A 280 36.91 -9.40 -6.65
C ARG A 280 36.09 -10.33 -5.76
N LEU A 281 35.83 -9.84 -4.55
CA LEU A 281 34.88 -10.42 -3.62
C LEU A 281 34.03 -9.28 -3.08
N VAL A 282 32.76 -9.22 -3.49
CA VAL A 282 31.90 -8.07 -3.22
C VAL A 282 30.80 -8.49 -2.27
N ALA A 283 30.76 -7.87 -1.10
CA ALA A 283 29.71 -8.11 -0.12
C ALA A 283 28.65 -7.01 -0.19
N VAL A 284 27.38 -7.41 -0.10
CA VAL A 284 26.25 -6.48 -0.22
C VAL A 284 25.19 -6.84 0.81
N ASN A 285 24.75 -5.85 1.60
CA ASN A 285 23.71 -6.08 2.61
C ASN A 285 22.30 -5.97 2.05
N ASN A 286 22.03 -4.92 1.27
CA ASN A 286 20.67 -4.55 0.89
C ASN A 286 20.04 -5.63 0.02
N SER A 287 18.89 -6.14 0.45
CA SER A 287 18.19 -7.18 -0.29
C SER A 287 17.90 -6.75 -1.74
N ASP A 288 17.34 -5.55 -1.92
CA ASP A 288 16.93 -5.13 -3.25
C ASP A 288 18.11 -4.80 -4.16
N ALA A 289 19.19 -4.23 -3.60
CA ALA A 289 20.38 -4.04 -4.40
C ALA A 289 20.91 -5.39 -4.87
N ILE A 290 20.84 -6.40 -4.01
CA ILE A 290 21.30 -7.73 -4.39
C ILE A 290 20.44 -8.26 -5.52
N LEU A 291 19.12 -8.06 -5.43
CA LEU A 291 18.21 -8.58 -6.45
C LEU A 291 18.55 -8.02 -7.82
N GLN A 292 18.64 -6.69 -7.91
CA GLN A 292 19.11 -6.05 -9.14
C GLN A 292 20.41 -6.67 -9.63
N MET A 293 21.37 -6.91 -8.71
CA MET A 293 22.67 -7.45 -9.11
C MET A 293 22.55 -8.87 -9.64
N LEU A 294 21.68 -9.67 -9.03
CA LEU A 294 21.41 -11.00 -9.55
C LEU A 294 21.01 -10.92 -11.01
N PHE A 295 20.21 -9.91 -11.38
CA PHE A 295 19.85 -9.79 -12.80
C PHE A 295 21.05 -9.29 -13.63
N TYR A 296 21.66 -8.18 -13.22
CA TYR A 296 22.55 -7.44 -14.09
C TYR A 296 23.97 -8.01 -14.16
N THR A 297 24.41 -8.79 -13.17
CA THR A 297 25.73 -9.40 -13.24
C THR A 297 25.76 -10.59 -14.18
N SER A 298 24.62 -11.12 -14.62
CA SER A 298 24.61 -12.25 -15.52
C SER A 298 24.25 -11.87 -16.96
N GLN A 299 24.38 -10.61 -17.32
CA GLN A 299 24.08 -10.17 -18.68
C GLN A 299 25.29 -10.34 -19.61
N ALA A 300 25.01 -10.48 -20.90
CA ALA A 300 26.05 -10.68 -21.91
C ALA A 300 26.48 -9.34 -22.49
N SER A 301 27.79 -9.09 -22.54
CA SER A 301 28.27 -7.82 -23.04
C SER A 301 28.47 -7.82 -24.55
N ASP A 302 28.53 -8.98 -25.19
CA ASP A 302 28.62 -9.07 -26.64
C ASP A 302 28.20 -10.49 -27.06
N GLU A 303 28.31 -10.75 -28.36
CA GLU A 303 27.73 -11.96 -28.93
C GLU A 303 28.46 -13.21 -28.46
N GLN A 304 29.78 -13.17 -28.41
CA GLN A 304 30.52 -14.34 -27.95
C GLN A 304 30.10 -14.67 -26.53
N GLU A 305 30.10 -13.66 -25.65
CA GLU A 305 29.72 -13.95 -24.28
C GLU A 305 28.29 -14.45 -24.19
N TRP A 306 27.38 -14.00 -25.07
CA TRP A 306 26.04 -14.57 -25.07
C TRP A 306 26.07 -16.06 -25.41
N SER A 307 26.76 -16.42 -26.50
CA SER A 307 26.94 -17.83 -26.81
C SER A 307 27.37 -18.62 -25.58
N LEU A 308 28.26 -18.02 -24.77
CA LEU A 308 28.88 -18.75 -23.66
C LEU A 308 28.05 -18.79 -22.37
N ILE A 309 27.25 -17.74 -22.10
CA ILE A 309 26.70 -17.56 -20.76
C ILE A 309 25.89 -18.75 -20.25
N PRO A 310 24.94 -19.31 -21.00
CA PRO A 310 24.12 -20.40 -20.40
C PRO A 310 24.95 -21.57 -19.90
N PHE A 311 25.91 -22.01 -20.70
CA PHE A 311 26.77 -23.09 -20.28
C PHE A 311 27.59 -22.70 -19.05
N ARG A 312 28.22 -21.52 -19.10
CA ARG A 312 28.97 -21.04 -17.95
C ARG A 312 28.09 -20.92 -16.71
N SER A 313 26.80 -20.68 -16.91
CA SER A 313 25.85 -20.54 -15.82
C SER A 313 25.57 -21.87 -15.14
N ILE A 314 25.58 -22.96 -15.91
CA ILE A 314 25.50 -24.26 -15.23
C ILE A 314 26.83 -24.62 -14.58
N ARG A 315 27.94 -24.41 -15.28
CA ARG A 315 29.22 -24.85 -14.74
C ARG A 315 29.67 -24.04 -13.53
N ASP A 316 29.26 -22.77 -13.44
CA ASP A 316 29.69 -21.93 -12.33
C ASP A 316 28.99 -22.28 -11.03
N HIS A 317 27.91 -23.07 -11.07
CA HIS A 317 27.38 -23.65 -9.85
C HIS A 317 28.38 -24.57 -9.15
N HIS A 318 29.49 -24.94 -9.80
CA HIS A 318 30.50 -25.79 -9.17
C HIS A 318 31.85 -25.10 -9.12
N SER A 319 31.87 -23.77 -9.08
CA SER A 319 33.12 -23.03 -8.92
C SER A 319 33.36 -22.60 -7.48
N TYR A 320 32.60 -23.14 -6.54
CA TYR A 320 32.78 -22.69 -5.18
C TYR A 320 34.05 -23.28 -4.57
N GLU A 321 34.49 -24.45 -5.04
CA GLU A 321 35.79 -24.97 -4.64
C GLU A 321 36.90 -23.97 -4.97
N GLU A 322 36.98 -23.53 -6.24
CA GLU A 322 37.97 -22.51 -6.60
C GLU A 322 37.70 -21.19 -5.88
N LEU A 323 36.43 -20.88 -5.59
CA LEU A 323 36.12 -19.68 -4.81
C LEU A 323 36.81 -19.71 -3.46
N VAL A 324 36.52 -20.74 -2.67
CA VAL A 324 37.07 -20.82 -1.32
C VAL A 324 38.59 -20.97 -1.39
N GLN A 325 39.11 -21.62 -2.41
CA GLN A 325 40.55 -21.80 -2.47
C GLN A 325 41.28 -20.55 -2.93
N SER A 326 40.60 -19.59 -3.57
CA SER A 326 41.25 -18.37 -4.02
C SER A 326 40.88 -17.13 -3.19
N MET A 327 39.97 -17.26 -2.23
CA MET A 327 39.53 -16.17 -1.35
C MET A 327 40.58 -15.11 -1.05
N GLY A 328 41.73 -15.52 -0.55
CA GLY A 328 42.75 -14.60 -0.08
C GLY A 328 43.47 -13.84 -1.16
N LYS A 329 43.31 -14.23 -2.44
CA LYS A 329 43.92 -13.50 -3.54
C LYS A 329 42.96 -12.52 -4.20
N LYS A 330 41.68 -12.52 -3.81
CA LYS A 330 40.68 -11.66 -4.42
C LYS A 330 40.59 -10.34 -3.65
N LEU A 331 40.32 -9.27 -4.37
CA LEU A 331 40.16 -7.98 -3.72
C LEU A 331 38.77 -7.86 -3.13
N PHE A 332 38.71 -7.56 -1.83
CA PHE A 332 37.45 -7.54 -1.10
C PHE A 332 36.98 -6.11 -0.88
N ASN A 333 35.66 -5.92 -0.92
CA ASN A 333 35.06 -4.67 -0.47
C ASN A 333 33.57 -4.89 -0.21
N HIS A 334 32.94 -3.83 0.27
CA HIS A 334 31.58 -3.85 0.79
C HIS A 334 30.81 -2.77 0.05
N LEU A 335 29.92 -3.18 -0.86
CA LEU A 335 29.29 -2.22 -1.76
C LEU A 335 28.50 -1.16 -1.00
N ASP A 336 27.61 -1.58 -0.09
CA ASP A 336 26.78 -0.63 0.64
C ASP A 336 27.60 0.49 1.27
N GLY A 337 28.83 0.20 1.70
CA GLY A 337 29.62 1.20 2.39
C GLY A 337 30.50 2.03 1.46
N GLU A 338 30.70 1.53 0.25
CA GLU A 338 31.53 2.23 -0.72
C GLU A 338 30.83 3.50 -1.20
N ASN A 339 31.60 4.57 -1.38
CA ASN A 339 30.99 5.83 -1.79
C ASN A 339 31.16 6.12 -3.28
N SER A 340 31.78 5.21 -4.01
CA SER A 340 31.68 5.18 -5.47
C SER A 340 31.64 3.72 -5.88
N ILE A 341 30.48 3.26 -6.38
CA ILE A 341 30.31 1.85 -6.71
C ILE A 341 30.62 1.55 -8.17
N GLU A 342 31.04 2.56 -8.96
CA GLU A 342 31.19 2.35 -10.39
C GLU A 342 32.21 1.26 -10.70
N SER A 343 33.39 1.31 -10.06
CA SER A 343 34.45 0.35 -10.37
C SER A 343 34.05 -1.08 -9.99
N THR A 344 33.51 -1.25 -8.78
CA THR A 344 33.03 -2.55 -8.32
C THR A 344 32.03 -3.16 -9.31
N LEU A 345 31.05 -2.34 -9.72
CA LEU A 345 29.99 -2.85 -10.59
C LEU A 345 30.49 -3.09 -12.00
N ASN A 346 31.39 -2.24 -12.50
CA ASN A 346 32.06 -2.52 -13.77
C ASN A 346 32.73 -3.90 -13.73
N ASP A 347 33.47 -4.17 -12.65
CA ASP A 347 34.15 -5.45 -12.54
C ASP A 347 33.16 -6.60 -12.44
N LEU A 348 31.93 -6.32 -12.02
CA LEU A 348 30.94 -7.39 -11.96
C LEU A 348 30.11 -7.50 -13.24
N GLY A 349 30.41 -6.72 -14.27
CA GLY A 349 29.66 -6.78 -15.51
C GLY A 349 28.33 -6.07 -15.48
N VAL A 350 28.18 -5.05 -14.65
CA VAL A 350 26.95 -4.29 -14.51
C VAL A 350 27.02 -3.07 -15.41
N SER A 351 26.07 -2.97 -16.34
CA SER A 351 26.07 -1.87 -17.30
C SER A 351 25.69 -0.56 -16.63
N THR A 352 25.85 0.54 -17.38
CA THR A 352 25.48 1.86 -16.89
C THR A 352 24.05 1.89 -16.35
N ARG A 353 23.14 1.22 -17.04
CA ARG A 353 21.73 1.23 -16.63
C ARG A 353 21.53 0.38 -15.39
N GLY A 354 22.10 -0.83 -15.41
CA GLY A 354 22.10 -1.65 -14.21
C GLY A 354 22.61 -0.89 -13.01
N ARG A 355 23.64 -0.06 -13.22
CA ARG A 355 24.22 0.69 -12.12
C ARG A 355 23.25 1.73 -11.61
N GLN A 356 22.52 2.39 -12.52
CA GLN A 356 21.46 3.28 -12.09
C GLN A 356 20.53 2.58 -11.11
N TYR A 357 20.22 1.32 -11.39
CA TYR A 357 19.20 0.73 -10.52
C TYR A 357 19.76 0.13 -9.22
N VAL A 358 20.96 -0.47 -9.27
CA VAL A 358 21.61 -0.89 -8.02
C VAL A 358 21.78 0.33 -7.10
N GLN A 359 22.22 1.45 -7.68
CA GLN A 359 22.33 2.69 -6.94
C GLN A 359 20.98 3.12 -6.38
N ALA A 360 19.91 3.00 -7.16
CA ALA A 360 18.59 3.35 -6.65
C ALA A 360 18.25 2.55 -5.40
N ALA A 361 18.52 1.24 -5.40
CA ALA A 361 18.16 0.41 -4.24
C ALA A 361 18.96 0.81 -2.98
N LEU A 362 20.26 0.99 -3.14
CA LEU A 362 21.08 1.48 -2.02
C LEU A 362 20.60 2.83 -1.53
N GLU A 363 20.34 3.75 -2.46
CA GLU A 363 19.92 5.09 -2.10
C GLU A 363 18.58 5.09 -1.37
N GLU A 364 17.68 4.17 -1.73
CA GLU A 364 16.41 4.07 -1.02
C GLU A 364 16.64 3.67 0.44
N GLU A 365 17.57 2.74 0.68
CA GLU A 365 17.93 2.47 2.07
C GLU A 365 18.43 3.73 2.78
N LYS A 366 19.30 4.50 2.13
CA LYS A 366 19.80 5.74 2.74
C LYS A 366 18.67 6.71 3.07
N LYS A 367 17.65 6.78 2.21
CA LYS A 367 16.48 7.61 2.52
C LYS A 367 15.74 7.08 3.74
N ARG A 368 15.62 5.75 3.85
CA ARG A 368 14.94 5.18 5.03
C ARG A 368 15.67 5.57 6.32
N VAL A 369 17.00 5.47 6.31
CA VAL A 369 17.80 5.89 7.46
C VAL A 369 17.59 7.39 7.75
N GLU A 370 17.50 8.21 6.69
CA GLU A 370 17.23 9.63 6.88
C GLU A 370 15.85 9.87 7.52
N ASN A 371 14.81 9.20 7.01
CA ASN A 371 13.48 9.35 7.57
C ASN A 371 13.46 8.98 9.05
N GLN A 372 14.18 7.90 9.38
CA GLN A 372 14.24 7.48 10.77
C GLN A 372 14.95 8.51 11.64
N LYS A 373 16.00 9.14 11.12
CA LYS A 373 16.68 10.16 11.92
C LYS A 373 15.76 11.35 12.17
N LYS A 374 14.99 11.74 11.15
CA LYS A 374 14.03 12.82 11.33
C LYS A 374 13.00 12.48 12.40
N ILE A 375 12.47 11.25 12.36
CA ILE A 375 11.48 10.82 13.35
C ILE A 375 12.08 10.82 14.75
N ILE A 376 13.30 10.30 14.88
CA ILE A 376 13.94 10.25 16.20
C ILE A 376 14.10 11.66 16.76
N GLN A 377 14.52 12.60 15.91
CA GLN A 377 14.67 13.95 16.42
C GLN A 377 13.33 14.53 16.87
N VAL A 378 12.25 14.27 16.13
CA VAL A 378 10.99 14.87 16.57
C VAL A 378 10.57 14.27 17.90
N ILE A 379 10.74 12.95 18.08
CA ILE A 379 10.21 12.32 19.31
C ILE A 379 11.13 12.47 20.51
N GLU A 380 12.39 12.90 20.32
CA GLU A 380 13.27 13.18 21.45
C GLU A 380 13.21 14.63 21.91
N GLN A 381 12.56 15.51 21.15
CA GLN A 381 12.45 16.91 21.50
C GLN A 381 11.41 17.11 22.60
N GLU A 382 11.64 18.12 23.42
CA GLU A 382 10.84 18.25 24.63
C GLU A 382 9.50 18.92 24.38
N ARG A 383 9.40 19.79 23.38
CA ARG A 383 8.07 20.23 22.96
C ARG A 383 7.16 19.04 22.69
N PHE A 384 7.74 17.90 22.31
CA PHE A 384 6.93 16.70 22.08
C PHE A 384 6.64 15.97 23.39
N LEU A 385 7.67 15.53 24.09
CA LEU A 385 7.46 14.70 25.25
C LEU A 385 6.63 15.41 26.31
N LYS A 386 6.61 16.75 26.29
CA LYS A 386 5.89 17.48 27.32
C LYS A 386 4.38 17.43 27.13
N LYS A 387 3.87 17.10 25.96
CA LYS A 387 2.43 16.84 25.83
C LYS A 387 2.03 15.57 26.59
N LEU A 388 2.79 14.49 26.42
CA LEU A 388 2.54 13.29 27.21
C LEU A 388 2.68 13.61 28.68
N ALA A 389 3.74 14.34 29.05
CA ALA A 389 3.95 14.65 30.46
C ALA A 389 2.82 15.51 31.01
N TRP A 390 2.24 16.39 30.19
CA TRP A 390 1.14 17.21 30.67
C TRP A 390 -0.09 16.35 30.95
N ILE A 391 -0.40 15.42 30.05
CA ILE A 391 -1.55 14.56 30.33
C ILE A 391 -1.28 13.70 31.58
N GLU A 392 -0.04 13.27 31.75
CA GLU A 392 0.28 12.41 32.90
C GLU A 392 0.22 13.17 34.22
N ASP A 393 0.78 14.37 34.27
CA ASP A 393 1.08 15.07 35.50
C ASP A 393 0.19 16.26 35.79
N GLU A 394 -0.73 16.60 34.89
CA GLU A 394 -1.61 17.73 35.17
C GLU A 394 -3.05 17.32 34.96
N TYR A 395 -3.34 16.75 33.78
CA TYR A 395 -4.72 16.48 33.41
C TYR A 395 -5.30 15.35 34.26
N LYS A 396 -4.59 14.24 34.36
CA LYS A 396 -5.09 13.12 35.16
C LYS A 396 -5.21 13.51 36.63
N PRO A 397 -4.19 14.10 37.29
CA PRO A 397 -4.38 14.52 38.69
C PRO A 397 -5.54 15.49 38.90
N LYS A 398 -5.76 16.41 37.96
CA LYS A 398 -6.83 17.38 38.14
C LYS A 398 -8.20 16.73 37.97
N CYS A 399 -8.34 15.81 37.01
CA CYS A 399 -9.62 15.15 36.82
C CYS A 399 -9.93 14.16 37.94
N GLN A 400 -8.93 13.44 38.45
CA GLN A 400 -9.23 12.52 39.53
C GLN A 400 -9.50 13.28 40.83
N ALA A 401 -8.83 14.42 41.03
CA ALA A 401 -9.23 15.33 42.10
C ALA A 401 -10.67 15.78 41.97
N HIS A 402 -11.21 15.91 40.74
CA HIS A 402 -12.63 16.21 40.52
C HIS A 402 -13.55 15.01 40.81
N LYS A 403 -13.02 13.83 41.09
CA LYS A 403 -13.81 12.64 41.41
C LYS A 403 -14.63 12.17 40.20
N ASN A 404 -14.06 12.26 39.01
CA ASN A 404 -14.66 11.59 37.86
C ASN A 404 -13.64 10.93 36.94
N GLY A 405 -12.37 11.32 36.96
CA GLY A 405 -11.35 10.65 36.16
C GLY A 405 -11.23 11.25 34.77
N TYR A 406 -10.05 11.08 34.16
CA TYR A 406 -9.78 11.86 32.96
C TYR A 406 -10.54 11.33 31.76
N TYR A 407 -10.81 10.02 31.74
CA TYR A 407 -11.73 9.46 30.74
C TYR A 407 -13.06 10.19 30.72
N ASP A 408 -13.75 10.22 31.86
CA ASP A 408 -15.08 10.83 31.92
C ASP A 408 -15.02 12.33 31.71
N SER A 409 -13.98 12.98 32.25
CA SER A 409 -13.79 14.42 32.04
C SER A 409 -13.72 14.74 30.56
N PHE A 410 -12.82 14.07 29.83
CA PHE A 410 -12.79 14.23 28.38
C PHE A 410 -14.13 13.91 27.74
N LYS A 411 -14.86 12.92 28.28
CA LYS A 411 -16.06 12.46 27.60
C LYS A 411 -17.23 13.44 27.75
N VAL A 412 -17.32 14.18 28.86
CA VAL A 412 -18.52 15.00 29.03
C VAL A 412 -18.21 16.48 29.25
N SER A 413 -17.09 16.80 29.90
CA SER A 413 -16.85 18.19 30.30
C SER A 413 -16.47 19.08 29.13
N ASN A 414 -16.45 20.39 29.39
CA ASN A 414 -16.05 21.36 28.38
C ASN A 414 -15.14 22.43 28.96
N GLU A 415 -14.42 22.15 30.05
CA GLU A 415 -13.49 23.11 30.63
C GLU A 415 -12.27 23.28 29.72
N GLU A 416 -11.43 24.26 30.08
CA GLU A 416 -10.26 24.55 29.26
C GLU A 416 -9.23 23.41 29.30
N ASN A 417 -9.12 22.68 30.41
CA ASN A 417 -8.17 21.58 30.44
C ASN A 417 -8.63 20.38 29.61
N ASP A 418 -9.93 20.17 29.50
CA ASP A 418 -10.42 19.13 28.60
C ASP A 418 -10.19 19.50 27.14
N PHE A 419 -10.35 20.79 26.78
CA PHE A 419 -10.05 21.24 25.42
C PHE A 419 -8.55 21.14 25.12
N LYS A 420 -7.73 21.51 26.10
CA LYS A 420 -6.28 21.34 25.99
C LYS A 420 -5.93 19.88 25.75
N ALA A 421 -6.48 18.97 26.57
CA ALA A 421 -6.21 17.55 26.39
C ALA A 421 -6.68 17.08 25.01
N ASN A 422 -7.80 17.62 24.50
CA ASN A 422 -8.21 17.28 23.14
C ASN A 422 -7.16 17.73 22.12
N VAL A 423 -6.65 18.96 22.26
CA VAL A 423 -5.64 19.48 21.34
C VAL A 423 -4.41 18.57 21.34
N LYS A 424 -3.97 18.18 22.53
CA LYS A 424 -2.76 17.37 22.65
C LYS A 424 -2.98 15.96 22.11
N ARG A 425 -4.17 15.39 22.35
CA ARG A 425 -4.53 14.12 21.71
C ARG A 425 -4.39 14.21 20.19
N ALA A 426 -4.89 15.30 19.61
CA ALA A 426 -4.80 15.45 18.16
C ALA A 426 -3.37 15.56 17.69
N GLU A 427 -2.53 16.25 18.47
CA GLU A 427 -1.14 16.44 18.05
C GLU A 427 -0.37 15.11 18.10
N LEU A 428 -0.57 14.36 19.18
CA LEU A 428 0.09 13.06 19.31
C LEU A 428 -0.40 12.10 18.22
N ALA A 429 -1.71 12.14 17.91
CA ALA A 429 -2.20 11.39 16.75
C ALA A 429 -1.43 11.74 15.51
N GLY A 430 -1.13 13.03 15.30
CA GLY A 430 -0.35 13.41 14.13
C GLY A 430 1.02 12.75 14.09
N VAL A 431 1.78 12.87 15.19
CA VAL A 431 3.13 12.27 15.21
C VAL A 431 3.08 10.76 14.94
N PHE A 432 2.20 10.05 15.64
CA PHE A 432 2.21 8.59 15.54
C PHE A 432 1.59 8.10 14.23
N ASP A 433 0.59 8.80 13.71
CA ASP A 433 0.08 8.48 12.38
C ASP A 433 1.12 8.73 11.30
N GLU A 434 1.96 9.77 11.44
CA GLU A 434 3.00 9.94 10.44
C GLU A 434 3.95 8.75 10.45
N VAL A 435 4.39 8.33 11.65
CA VAL A 435 5.28 7.17 11.71
C VAL A 435 4.61 5.95 11.08
N LEU A 436 3.34 5.72 11.43
CA LEU A 436 2.62 4.59 10.86
C LEU A 436 2.57 4.69 9.34
N GLY A 437 2.24 5.87 8.82
CA GLY A 437 2.16 6.05 7.38
C GLY A 437 3.47 5.72 6.70
N LEU A 438 4.58 6.07 7.34
CA LEU A 438 5.89 5.70 6.81
C LEU A 438 6.09 4.18 6.82
N MET A 439 5.70 3.52 7.91
CA MET A 439 5.88 2.06 8.00
C MET A 439 5.03 1.33 6.97
N LYS A 440 3.78 1.77 6.78
CA LYS A 440 2.87 1.14 5.83
C LYS A 440 3.46 1.14 4.42
N LYS A 441 4.25 2.15 4.08
CA LYS A 441 4.86 2.23 2.76
C LYS A 441 6.33 1.89 2.76
N CYS A 442 6.81 1.20 3.80
CA CYS A 442 8.18 0.68 3.83
C CYS A 442 9.20 1.80 3.70
N GLN A 443 8.97 2.89 4.43
CA GLN A 443 9.83 4.06 4.39
C GLN A 443 10.83 4.14 5.55
N LEU A 444 10.79 3.19 6.49
CA LEU A 444 11.69 3.18 7.62
C LEU A 444 12.54 1.91 7.59
N PRO A 445 13.72 1.94 8.21
CA PRO A 445 14.55 0.72 8.26
C PRO A 445 13.85 -0.42 8.96
N ASP A 446 14.22 -1.64 8.57
CA ASP A 446 13.63 -2.86 9.12
C ASP A 446 13.64 -2.88 10.63
N GLU A 447 14.68 -2.28 11.24
CA GLU A 447 14.88 -2.36 12.68
C GLU A 447 13.87 -1.55 13.48
N PHE A 448 13.20 -0.56 12.85
CA PHE A 448 12.48 0.46 13.61
C PHE A 448 11.44 -0.14 14.54
N GLU A 449 10.68 -1.13 14.06
CA GLU A 449 9.59 -1.65 14.88
C GLU A 449 10.09 -2.42 16.09
N GLY A 450 11.34 -2.86 16.07
CA GLY A 450 11.97 -3.51 17.19
C GLY A 450 12.74 -2.61 18.12
N ASP A 451 12.81 -1.31 17.84
CA ASP A 451 13.63 -0.43 18.66
C ASP A 451 12.99 -0.21 20.04
N ILE A 452 13.77 -0.50 21.08
CA ILE A 452 13.25 -0.52 22.45
C ILE A 452 12.75 0.87 22.88
N ASP A 453 13.48 1.93 22.54
CA ASP A 453 13.04 3.27 22.95
C ASP A 453 11.72 3.65 22.27
N TRP A 454 11.55 3.26 21.01
CA TRP A 454 10.29 3.49 20.31
C TRP A 454 9.17 2.65 20.89
N ILE A 455 9.46 1.40 21.27
CA ILE A 455 8.43 0.57 21.88
C ILE A 455 7.99 1.17 23.21
N LYS A 456 8.96 1.59 24.03
CA LYS A 456 8.62 2.20 25.31
C LYS A 456 7.76 3.45 25.11
N LEU A 457 8.20 4.32 24.19
CA LEU A 457 7.46 5.55 23.89
C LEU A 457 6.04 5.25 23.44
N ALA A 458 5.89 4.42 22.40
CA ALA A 458 4.55 4.13 21.88
C ALA A 458 3.68 3.42 22.90
N THR A 459 4.27 2.69 23.84
CA THR A 459 3.46 2.04 24.85
C THR A 459 2.93 3.03 25.88
N ARG A 460 3.81 3.93 26.34
CA ARG A 460 3.35 5.06 27.15
C ARG A 460 2.23 5.83 26.44
N TYR A 461 2.44 6.14 25.16
CA TYR A 461 1.44 6.85 24.38
C TYR A 461 0.12 6.08 24.35
N ARG A 462 0.19 4.78 24.07
CA ARG A 462 -1.04 3.97 24.01
C ARG A 462 -1.77 3.98 25.34
N ARG A 463 -1.07 3.65 26.43
CA ARG A 463 -1.72 3.57 27.73
C ARG A 463 -2.33 4.91 28.15
N LEU A 464 -1.64 6.02 27.84
CA LEU A 464 -2.10 7.34 28.25
C LEU A 464 -3.25 7.85 27.39
N VAL A 465 -3.13 7.74 26.06
CA VAL A 465 -4.00 8.47 25.16
C VAL A 465 -5.08 7.60 24.49
N GLU A 466 -4.86 6.29 24.32
CA GLU A 466 -5.97 5.50 23.78
C GLU A 466 -7.26 5.70 24.56
N PRO A 467 -7.28 5.75 25.91
CA PRO A 467 -8.52 6.10 26.61
C PRO A 467 -9.14 7.41 26.15
N LEU A 468 -8.32 8.43 25.87
CA LEU A 468 -8.88 9.69 25.39
C LEU A 468 -9.46 9.53 23.99
N ASP A 469 -8.85 8.69 23.16
CA ASP A 469 -9.42 8.46 21.83
C ASP A 469 -10.70 7.63 21.89
N ILE A 470 -10.80 6.72 22.85
CA ILE A 470 -12.06 6.01 23.09
C ILE A 470 -13.12 6.97 23.63
N ALA A 471 -12.75 7.80 24.60
CA ALA A 471 -13.62 8.88 25.05
C ALA A 471 -14.10 9.74 23.88
N ASN A 472 -13.18 10.10 22.99
CA ASN A 472 -13.51 10.92 21.84
C ASN A 472 -14.54 10.22 20.95
N TYR A 473 -14.25 8.97 20.58
CA TYR A 473 -15.14 8.16 19.75
C TYR A 473 -16.55 8.13 20.34
N HIS A 474 -16.66 7.92 21.66
CA HIS A 474 -18.01 7.71 22.19
C HIS A 474 -18.73 9.03 22.49
N ARG A 475 -17.99 10.05 22.94
CA ARG A 475 -18.61 11.35 23.17
C ARG A 475 -19.33 11.85 21.93
N HIS A 476 -18.69 11.75 20.77
CA HIS A 476 -19.32 12.17 19.52
C HIS A 476 -20.09 11.04 18.87
N LEU A 477 -20.44 10.01 19.63
CA LEU A 477 -21.38 8.99 19.19
C LEU A 477 -20.96 8.35 17.86
N LYS A 478 -19.65 8.22 17.60
CA LYS A 478 -19.26 7.52 16.38
C LYS A 478 -19.50 6.02 16.49
N ASN A 479 -19.51 5.49 17.72
CA ASN A 479 -19.86 4.08 17.93
C ASN A 479 -21.25 3.76 17.42
N GLU A 480 -22.13 4.77 17.33
CA GLU A 480 -23.47 4.58 16.79
C GLU A 480 -23.56 4.96 15.32
N ASP A 481 -22.48 5.48 14.73
CA ASP A 481 -22.36 5.64 13.30
C ASP A 481 -21.76 4.39 12.66
N THR A 482 -20.60 3.95 13.18
CA THR A 482 -19.76 2.95 12.53
C THR A 482 -19.46 1.78 13.46
N GLY A 483 -20.22 1.61 14.54
CA GLY A 483 -20.15 0.41 15.33
C GLY A 483 -19.18 0.50 16.47
N PRO A 484 -19.10 -0.58 17.25
CA PRO A 484 -18.19 -0.60 18.40
C PRO A 484 -16.77 -0.22 18.01
N TYR A 485 -16.12 0.48 18.93
CA TYR A 485 -14.74 0.92 18.76
C TYR A 485 -13.83 -0.23 18.36
N MET A 486 -13.86 -1.32 19.14
CA MET A 486 -12.93 -2.44 18.93
C MET A 486 -13.11 -3.08 17.55
N LYS A 487 -14.24 -2.85 16.86
CA LYS A 487 -14.41 -3.42 15.53
C LYS A 487 -13.81 -2.48 14.48
N ARG A 488 -14.45 -1.32 14.25
CA ARG A 488 -14.05 -0.43 13.16
C ARG A 488 -13.53 0.93 13.61
N GLY A 489 -13.54 1.24 14.91
CA GLY A 489 -13.14 2.58 15.31
C GLY A 489 -11.68 2.69 15.72
N ARG A 490 -11.11 1.62 16.24
CA ARG A 490 -9.78 1.69 16.84
C ARG A 490 -8.73 2.14 15.84
N PRO A 491 -7.94 3.18 16.15
CA PRO A 491 -6.85 3.59 15.26
C PRO A 491 -5.77 2.52 15.11
N THR A 492 -5.31 2.35 13.87
CA THR A 492 -4.24 1.41 13.59
C THR A 492 -2.97 1.75 14.37
N ARG A 493 -2.75 3.02 14.69
CA ARG A 493 -1.57 3.38 15.47
C ARG A 493 -1.50 2.62 16.79
N TYR A 494 -2.66 2.46 17.47
CA TYR A 494 -2.67 1.78 18.76
C TYR A 494 -2.50 0.28 18.58
N ILE A 495 -3.00 -0.27 17.47
CA ILE A 495 -2.79 -1.69 17.18
C ILE A 495 -1.31 -1.97 16.94
N TYR A 496 -0.64 -1.12 16.17
CA TYR A 496 0.80 -1.26 15.99
C TYR A 496 1.53 -1.14 17.32
N ALA A 497 1.13 -0.20 18.18
CA ALA A 497 1.82 -0.07 19.46
C ALA A 497 1.62 -1.32 20.30
N GLN A 498 0.39 -1.82 20.37
CA GLN A 498 0.08 -3.00 21.15
C GLN A 498 0.87 -4.20 20.65
N ARG A 499 0.98 -4.37 19.33
CA ARG A 499 1.70 -5.51 18.80
C ARG A 499 3.21 -5.38 19.01
N GLY A 500 3.76 -4.18 18.82
CA GLY A 500 5.16 -3.98 19.10
C GLY A 500 5.51 -4.34 20.54
N TYR A 501 4.69 -3.86 21.49
CA TYR A 501 4.97 -4.15 22.91
C TYR A 501 4.75 -5.62 23.24
N GLU A 502 3.65 -6.20 22.74
CA GLU A 502 3.38 -7.61 22.99
C GLU A 502 4.53 -8.47 22.51
N HIS A 503 5.04 -8.19 21.31
CA HIS A 503 6.16 -8.96 20.79
C HIS A 503 7.40 -8.75 21.65
N TYR A 504 7.61 -7.51 22.11
CA TYR A 504 8.78 -7.20 22.94
C TYR A 504 8.77 -7.99 24.25
N ILE A 505 7.62 -8.03 24.93
CA ILE A 505 7.57 -8.68 26.24
C ILE A 505 7.42 -10.19 26.13
N LEU A 506 6.86 -10.71 25.04
CA LEU A 506 6.53 -12.13 24.96
C LEU A 506 7.56 -12.98 24.23
N LYS A 507 8.32 -12.39 23.29
CA LYS A 507 9.22 -13.21 22.50
C LYS A 507 10.34 -13.88 23.30
N PRO A 508 10.86 -13.32 24.42
CA PRO A 508 11.88 -14.09 25.17
C PRO A 508 11.32 -15.36 25.80
N ASN A 509 10.02 -15.41 26.04
CA ASN A 509 9.41 -16.59 26.63
C ASN A 509 8.77 -17.49 25.60
N GLY A 510 8.90 -17.18 24.31
CA GLY A 510 8.34 -18.03 23.27
C GLY A 510 6.83 -18.11 23.26
N MET A 511 6.15 -17.11 23.83
CA MET A 511 4.70 -17.07 23.94
C MET A 511 4.07 -16.20 22.84
N ILE A 512 2.80 -16.48 22.57
CA ILE A 512 1.99 -15.75 21.59
C ILE A 512 0.87 -15.04 22.34
N ALA A 513 0.68 -13.76 22.04
CA ALA A 513 -0.28 -12.97 22.81
C ALA A 513 -1.68 -13.58 22.78
N GLU A 514 -2.09 -14.09 21.62
CA GLU A 514 -3.43 -14.67 21.53
C GLU A 514 -3.56 -15.90 22.42
N ASP A 515 -2.51 -16.74 22.46
CA ASP A 515 -2.53 -17.90 23.35
C ASP A 515 -2.52 -17.48 24.81
N VAL A 516 -1.69 -16.49 25.18
CA VAL A 516 -1.71 -15.97 26.55
C VAL A 516 -3.11 -15.57 26.95
N PHE A 517 -3.80 -14.88 26.03
CA PHE A 517 -5.15 -14.40 26.32
C PHE A 517 -6.11 -15.55 26.53
N TRP A 518 -6.12 -16.50 25.61
CA TRP A 518 -7.10 -17.58 25.71
C TRP A 518 -6.81 -18.50 26.88
N ASN A 519 -5.55 -18.66 27.26
CA ASN A 519 -5.25 -19.44 28.45
C ASN A 519 -5.73 -18.73 29.70
N LYS A 520 -5.61 -17.40 29.74
CA LYS A 520 -6.17 -16.69 30.89
C LYS A 520 -7.68 -16.88 30.96
N VAL A 521 -8.36 -16.74 29.81
CA VAL A 521 -9.81 -16.92 29.78
C VAL A 521 -10.17 -18.33 30.26
N ASN A 522 -9.41 -19.33 29.84
CA ASN A 522 -9.71 -20.70 30.25
C ASN A 522 -9.52 -20.87 31.74
N GLY A 523 -8.49 -20.22 32.30
CA GLY A 523 -8.31 -20.20 33.73
C GLY A 523 -9.42 -19.51 34.50
N LEU A 524 -10.22 -18.67 33.84
CA LEU A 524 -11.32 -18.05 34.57
C LEU A 524 -12.47 -19.01 34.87
N ASN A 525 -12.46 -20.19 34.26
CA ASN A 525 -13.43 -21.26 34.54
C ASN A 525 -14.86 -20.73 34.52
N LEU A 526 -15.20 -20.10 33.40
CA LEU A 526 -16.51 -19.53 33.14
C LEU A 526 -17.52 -20.64 32.83
N GLY A 527 -18.80 -20.29 32.94
CA GLY A 527 -19.86 -21.27 32.85
C GLY A 527 -20.40 -21.49 31.46
N LEU A 528 -19.54 -21.41 30.45
CA LEU A 528 -19.93 -21.69 29.08
C LEU A 528 -18.96 -22.72 28.52
N GLN A 529 -19.30 -23.23 27.34
CA GLN A 529 -18.43 -24.16 26.64
C GLN A 529 -17.42 -23.38 25.81
N LEU A 530 -16.42 -24.10 25.31
CA LEU A 530 -15.31 -23.46 24.62
C LEU A 530 -15.78 -22.62 23.44
N GLU A 531 -16.61 -23.19 22.56
CA GLU A 531 -17.01 -22.47 21.36
C GLU A 531 -17.90 -21.28 21.68
N GLU A 532 -18.74 -21.40 22.73
CA GLU A 532 -19.60 -20.30 23.14
C GLU A 532 -18.77 -19.14 23.70
N ILE A 533 -17.77 -19.45 24.51
CA ILE A 533 -16.88 -18.43 25.05
C ILE A 533 -16.14 -17.75 23.91
N GLN A 534 -15.69 -18.53 22.92
CA GLN A 534 -15.02 -17.95 21.76
C GLN A 534 -15.95 -17.00 20.99
N GLU A 535 -17.22 -17.38 20.83
CA GLU A 535 -18.17 -16.50 20.16
C GLU A 535 -18.38 -15.21 20.95
N THR A 536 -18.54 -15.35 22.27
CA THR A 536 -18.89 -14.22 23.14
C THR A 536 -17.79 -13.15 23.15
N LEU A 537 -16.52 -13.58 23.14
CA LEU A 537 -15.39 -12.68 23.30
C LEU A 537 -14.85 -12.15 21.97
N LYS A 538 -15.54 -12.42 20.86
CA LYS A 538 -15.07 -11.94 19.55
C LYS A 538 -15.07 -10.42 19.53
N ASN A 539 -13.94 -9.83 19.19
CA ASN A 539 -13.81 -8.37 19.08
C ASN A 539 -14.09 -7.70 20.42
N SER A 540 -13.66 -8.32 21.50
CA SER A 540 -13.85 -7.71 22.80
C SER A 540 -12.68 -6.78 23.12
N GLY A 541 -12.91 -5.90 24.08
CA GLY A 541 -11.88 -5.02 24.56
C GLY A 541 -10.92 -5.60 25.55
N SER A 542 -11.12 -6.86 25.98
CA SER A 542 -10.32 -7.44 27.07
C SER A 542 -8.99 -8.03 26.62
N GLU A 543 -8.66 -7.97 25.35
CA GLU A 543 -7.36 -8.43 24.92
C GLU A 543 -6.25 -7.41 25.19
N CYS A 544 -6.61 -6.17 25.53
CA CYS A 544 -5.63 -5.07 25.69
C CYS A 544 -6.13 -4.09 26.74
N GLY A 545 -5.30 -3.83 27.75
CA GLY A 545 -5.74 -3.02 28.88
C GLY A 545 -6.13 -1.60 28.49
N SER A 546 -5.43 -1.01 27.52
CA SER A 546 -5.73 0.31 26.98
C SER A 546 -7.06 0.36 26.22
N CYS A 547 -7.75 -0.78 26.08
CA CYS A 547 -9.10 -0.87 25.53
C CYS A 547 -10.15 -1.13 26.60
N PHE A 548 -9.74 -1.13 27.87
CA PHE A 548 -10.67 -1.22 29.00
C PHE A 548 -11.96 -0.44 28.73
N TRP A 549 -11.82 0.86 28.48
CA TRP A 549 -12.99 1.73 28.37
C TRP A 549 -13.89 1.31 27.23
N ALA A 550 -13.33 0.86 26.10
CA ALA A 550 -14.21 0.50 25.00
C ALA A 550 -15.09 -0.67 25.41
N GLU A 551 -14.51 -1.65 26.11
CA GLU A 551 -15.30 -2.76 26.61
C GLU A 551 -16.38 -2.26 27.55
N VAL A 552 -16.03 -1.34 28.45
CA VAL A 552 -17.03 -0.84 29.38
C VAL A 552 -18.18 -0.20 28.61
N GLU A 553 -17.85 0.51 27.53
CA GLU A 553 -18.92 1.19 26.81
C GLU A 553 -19.84 0.19 26.13
N GLU A 554 -19.31 -0.98 25.78
CA GLU A 554 -20.16 -1.97 25.14
C GLU A 554 -21.03 -2.69 26.17
N LEU A 555 -20.58 -2.78 27.44
CA LEU A 555 -21.29 -3.58 28.42
C LEU A 555 -22.33 -2.78 29.20
N LYS A 556 -22.00 -1.54 29.60
CA LYS A 556 -22.78 -0.79 30.58
C LYS A 556 -24.25 -0.64 30.21
N GLY A 557 -24.59 -0.69 28.93
CA GLY A 557 -25.98 -0.50 28.54
C GLY A 557 -26.81 -1.76 28.39
N LYS A 558 -26.36 -2.88 28.98
CA LYS A 558 -26.98 -4.17 28.69
C LYS A 558 -27.34 -4.90 29.97
N PRO A 559 -28.36 -5.78 29.93
CA PRO A 559 -28.66 -6.62 31.09
C PRO A 559 -27.53 -7.57 31.43
N TYR A 560 -27.44 -7.94 32.71
CA TYR A 560 -26.25 -8.61 33.23
C TYR A 560 -26.07 -10.00 32.68
N GLU A 561 -27.16 -10.73 32.41
CA GLU A 561 -26.97 -12.07 31.87
C GLU A 561 -26.60 -12.04 30.40
N GLU A 562 -26.95 -10.97 29.68
CA GLU A 562 -26.42 -10.81 28.33
C GLU A 562 -24.89 -10.75 28.33
N VAL A 563 -24.29 -10.24 29.41
CA VAL A 563 -22.89 -9.79 29.38
C VAL A 563 -22.05 -10.45 30.46
N GLU A 564 -22.63 -11.36 31.25
CA GLU A 564 -21.95 -11.86 32.44
C GLU A 564 -20.58 -12.41 32.13
N VAL A 565 -20.44 -13.15 31.02
CA VAL A 565 -19.14 -13.69 30.67
C VAL A 565 -18.17 -12.55 30.35
N ARG A 566 -18.61 -11.57 29.57
CA ARG A 566 -17.72 -10.46 29.24
C ARG A 566 -17.36 -9.64 30.47
N VAL A 567 -18.32 -9.44 31.39
CA VAL A 567 -18.03 -8.75 32.63
C VAL A 567 -16.97 -9.51 33.43
N LYS A 568 -17.19 -10.81 33.62
CA LYS A 568 -16.24 -11.60 34.40
C LYS A 568 -14.87 -11.63 33.73
N THR A 569 -14.86 -11.63 32.39
CA THR A 569 -13.60 -11.58 31.65
C THR A 569 -12.84 -10.29 31.93
N LEU A 570 -13.52 -9.15 31.79
CA LEU A 570 -12.92 -7.85 32.07
C LEU A 570 -12.37 -7.80 33.50
N GLU A 571 -13.21 -8.15 34.47
CA GLU A 571 -12.77 -8.14 35.86
C GLU A 571 -11.58 -9.06 36.06
N GLY A 572 -11.56 -10.20 35.35
CA GLY A 572 -10.41 -11.09 35.43
C GLY A 572 -9.15 -10.50 34.83
N MET A 573 -9.28 -9.60 33.85
CA MET A 573 -8.08 -9.02 33.27
C MET A 573 -7.55 -7.85 34.09
N LEU A 574 -8.42 -7.24 34.90
CA LEU A 574 -8.10 -5.96 35.54
C LEU A 574 -6.86 -6.02 36.45
N GLY A 575 -6.67 -7.10 37.22
CA GLY A 575 -5.62 -7.08 38.24
C GLY A 575 -4.22 -7.08 37.65
N GLU A 576 -4.00 -7.88 36.62
CA GLU A 576 -2.74 -7.81 35.92
C GLU A 576 -2.63 -6.50 35.11
N TRP A 577 -3.74 -5.98 34.58
CA TRP A 577 -3.65 -4.67 33.90
C TRP A 577 -3.16 -3.59 34.85
N ILE A 578 -3.64 -3.62 36.10
CA ILE A 578 -3.25 -2.62 37.07
C ILE A 578 -1.79 -2.81 37.47
N THR A 579 -1.38 -4.06 37.68
CA THR A 579 0.01 -4.34 38.03
C THR A 579 0.98 -3.89 36.93
N ASP A 580 0.61 -4.08 35.66
CA ASP A 580 1.53 -3.76 34.58
C ASP A 580 1.47 -2.31 34.12
N GLY A 581 0.56 -1.50 34.68
CA GLY A 581 0.44 -0.12 34.28
C GLY A 581 -0.44 0.12 33.07
N GLU A 582 -1.14 -0.90 32.59
CA GLU A 582 -2.07 -0.71 31.49
C GLU A 582 -3.30 0.07 31.93
N VAL A 583 -3.69 -0.06 33.20
CA VAL A 583 -4.88 0.59 33.75
C VAL A 583 -4.53 1.20 35.09
N ASP A 584 -5.03 2.41 35.33
CA ASP A 584 -4.69 3.21 36.50
C ASP A 584 -5.78 3.08 37.57
N ASP A 585 -5.42 2.48 38.71
CA ASP A 585 -6.39 2.28 39.79
C ASP A 585 -6.82 3.60 40.45
N LYS A 586 -6.04 4.67 40.32
CA LYS A 586 -6.53 5.97 40.75
C LYS A 586 -7.67 6.49 39.88
N GLU A 587 -7.89 5.91 38.71
CA GLU A 587 -8.86 6.47 37.77
C GLU A 587 -10.18 5.72 37.75
N ILE A 588 -10.15 4.41 37.58
CA ILE A 588 -11.34 3.73 37.10
C ILE A 588 -12.39 3.50 38.18
N PHE A 589 -12.01 3.57 39.46
CA PHE A 589 -12.94 3.34 40.56
C PHE A 589 -13.46 4.62 41.20
N LEU A 590 -13.21 5.79 40.59
CA LEU A 590 -13.69 7.04 41.14
C LEU A 590 -15.21 7.12 41.09
N GLU A 591 -15.78 7.91 41.99
CA GLU A 591 -17.23 7.99 42.09
C GLU A 591 -17.86 8.41 40.78
N GLY A 592 -17.21 9.33 40.06
CA GLY A 592 -17.75 9.78 38.80
C GLY A 592 -17.42 8.91 37.61
N SER A 593 -16.57 7.89 37.80
CA SER A 593 -16.18 7.04 36.68
C SER A 593 -17.40 6.33 36.09
N THR A 594 -17.49 6.33 34.75
CA THR A 594 -18.51 5.53 34.10
C THR A 594 -18.47 4.09 34.59
N PHE A 595 -17.27 3.53 34.71
CA PHE A 595 -17.16 2.13 35.12
C PHE A 595 -17.71 1.94 36.51
N ARG A 596 -17.26 2.77 37.46
CA ARG A 596 -17.72 2.65 38.84
C ARG A 596 -19.23 2.79 38.92
N LYS A 597 -19.79 3.82 38.28
CA LYS A 597 -21.22 4.01 38.31
C LYS A 597 -21.97 2.82 37.74
N TRP A 598 -21.40 2.15 36.73
CA TRP A 598 -22.09 1.00 36.14
C TRP A 598 -21.98 -0.24 37.01
N TRP A 599 -20.84 -0.42 37.66
CA TRP A 599 -20.57 -1.70 38.30
C TRP A 599 -21.42 -1.87 39.57
N ILE A 600 -21.60 -0.80 40.33
CA ILE A 600 -22.45 -0.88 41.52
C ILE A 600 -23.89 -1.23 41.17
N THR A 601 -24.27 -1.16 39.89
CA THR A 601 -25.59 -1.56 39.44
C THR A 601 -25.66 -3.02 38.98
N LEU A 602 -24.59 -3.82 39.20
CA LEU A 602 -24.62 -5.23 38.88
C LEU A 602 -25.15 -6.04 40.06
N PRO A 603 -25.85 -7.15 39.79
CA PRO A 603 -26.61 -7.83 40.84
C PRO A 603 -25.78 -8.07 42.10
N LYS A 604 -26.45 -8.00 43.25
CA LYS A 604 -25.77 -8.14 44.54
C LYS A 604 -24.91 -9.38 44.58
N ASN A 605 -25.40 -10.48 43.99
CA ASN A 605 -24.67 -11.74 44.00
C ASN A 605 -23.32 -11.61 43.31
N HIS A 606 -23.29 -10.93 42.15
CA HIS A 606 -22.03 -10.75 41.42
C HIS A 606 -21.06 -9.88 42.20
N LYS A 607 -21.56 -8.75 42.73
CA LYS A 607 -20.68 -7.81 43.44
C LYS A 607 -20.10 -8.45 44.69
N SER A 608 -20.92 -9.17 45.46
CA SER A 608 -20.44 -9.84 46.67
C SER A 608 -19.32 -10.81 46.36
N HIS A 609 -19.36 -11.46 45.19
CA HIS A 609 -18.37 -12.46 44.82
C HIS A 609 -17.35 -11.93 43.82
N SER A 610 -17.42 -10.63 43.48
CA SER A 610 -16.45 -10.04 42.57
C SER A 610 -15.07 -9.89 43.23
N PRO A 611 -14.00 -10.09 42.46
CA PRO A 611 -12.65 -9.75 42.94
C PRO A 611 -12.37 -8.25 42.97
N LEU A 612 -13.40 -7.42 42.81
CA LEU A 612 -13.29 -5.97 42.81
C LEU A 612 -14.15 -5.31 43.88
N ARG A 613 -14.78 -6.09 44.77
CA ARG A 613 -15.76 -5.52 45.70
C ARG A 613 -15.11 -4.53 46.68
N ASP A 614 -13.86 -4.77 47.06
CA ASP A 614 -13.18 -3.87 47.99
C ASP A 614 -12.71 -2.58 47.34
N TYR A 615 -13.23 -2.24 46.15
CA TYR A 615 -12.82 -1.06 45.41
C TYR A 615 -13.92 -0.01 45.29
N MET A 616 -15.18 -0.37 45.50
CA MET A 616 -16.30 0.51 45.20
C MET A 616 -17.41 0.32 46.24
N MET A 617 -18.27 1.34 46.36
CA MET A 617 -19.42 1.33 47.27
C MET A 617 -20.67 1.64 46.50
N ASP A 618 -21.81 1.15 46.99
CA ASP A 618 -23.07 1.26 46.26
C ASP A 618 -23.71 2.65 46.31
N CYS B 4 19.20 15.60 -7.52
CA CYS B 4 18.92 14.41 -6.71
C CYS B 4 17.75 13.58 -7.29
N ARG B 5 17.08 14.12 -8.30
CA ARG B 5 15.94 13.44 -8.92
C ARG B 5 16.34 12.08 -9.47
N PHE B 6 15.34 11.23 -9.68
CA PHE B 6 15.51 9.90 -10.27
C PHE B 6 14.69 9.82 -11.55
N GLU B 7 15.36 9.57 -12.68
CA GLU B 7 14.70 9.58 -13.99
C GLU B 7 14.13 8.20 -14.30
N THR B 8 12.82 8.14 -14.56
CA THR B 8 12.13 6.84 -14.69
C THR B 8 11.48 6.60 -16.04
N SER B 9 11.66 7.48 -17.03
CA SER B 9 10.94 7.30 -18.29
C SER B 9 11.37 6.00 -18.98
N GLU B 10 12.67 5.75 -19.05
CA GLU B 10 13.14 4.50 -19.65
C GLU B 10 12.81 3.30 -18.75
N LEU B 11 12.88 3.47 -17.43
CA LEU B 11 12.56 2.36 -16.53
C LEU B 11 11.10 1.95 -16.67
N GLN B 12 10.20 2.93 -16.70
CA GLN B 12 8.80 2.64 -16.92
C GLN B 12 8.58 1.92 -18.25
N ALA B 13 9.23 2.40 -19.32
CA ALA B 13 9.17 1.65 -20.57
C ALA B 13 9.66 0.21 -20.39
N SER B 14 10.78 0.02 -19.69
CA SER B 14 11.34 -1.32 -19.54
C SER B 14 10.42 -2.23 -18.73
N VAL B 15 9.76 -1.67 -17.71
CA VAL B 15 8.76 -2.46 -16.98
C VAL B 15 7.71 -2.98 -17.95
N MET B 16 7.07 -2.07 -18.70
CA MET B 16 6.05 -2.49 -19.66
C MET B 16 6.57 -3.57 -20.61
N ILE B 17 7.73 -3.31 -21.22
CA ILE B 17 8.28 -4.18 -22.26
C ILE B 17 8.56 -5.57 -21.71
N SER B 18 8.96 -5.67 -20.45
CA SER B 18 9.30 -6.95 -19.83
C SER B 18 8.08 -7.77 -19.45
N THR B 19 6.82 -7.21 -19.57
CA THR B 19 5.69 -8.01 -19.13
C THR B 19 5.22 -8.96 -20.23
N PRO B 20 4.58 -10.06 -19.87
CA PRO B 20 3.94 -10.87 -20.91
C PRO B 20 2.84 -10.12 -21.65
N LEU B 21 2.23 -9.09 -21.03
CA LEU B 21 1.17 -8.34 -21.69
C LEU B 21 1.66 -7.72 -22.98
N PHE B 22 2.89 -7.21 -22.98
CA PHE B 22 3.51 -6.60 -24.15
C PHE B 22 3.46 -7.51 -25.37
N THR B 23 4.03 -8.71 -25.22
CA THR B 23 4.14 -9.63 -26.35
C THR B 23 2.82 -10.34 -26.65
N ASP B 24 2.02 -10.59 -25.62
CA ASP B 24 0.74 -11.26 -25.81
C ASP B 24 -0.27 -10.33 -26.47
N SER B 25 -0.30 -9.06 -26.07
CA SER B 25 -1.16 -8.10 -26.74
C SER B 25 -0.75 -7.95 -28.19
N TRP B 26 0.57 -7.89 -28.46
CA TRP B 26 0.96 -7.80 -29.86
C TRP B 26 0.55 -9.04 -30.64
N SER B 27 0.82 -10.23 -30.08
CA SER B 27 0.44 -11.47 -30.74
C SER B 27 -1.02 -11.44 -31.10
N SER B 28 -1.85 -11.01 -30.15
CA SER B 28 -3.29 -10.95 -30.38
C SER B 28 -3.62 -9.94 -31.47
N CYS B 29 -2.97 -8.78 -31.46
CA CYS B 29 -3.13 -7.82 -32.54
C CYS B 29 -2.81 -8.44 -33.89
N ASN B 30 -1.72 -9.19 -33.96
CA ASN B 30 -1.30 -9.77 -35.23
C ASN B 30 -2.32 -10.78 -35.73
N THR B 31 -2.82 -11.61 -34.83
CA THR B 31 -3.85 -12.59 -35.21
C THR B 31 -5.11 -11.88 -35.68
N ALA B 32 -5.53 -10.83 -34.99
CA ALA B 32 -6.72 -10.10 -35.42
C ALA B 32 -6.52 -9.47 -36.79
N ASN B 33 -5.35 -8.89 -37.03
CA ASN B 33 -5.02 -8.34 -38.34
C ASN B 33 -5.13 -9.41 -39.42
N CYS B 34 -4.48 -10.57 -39.20
CA CYS B 34 -4.50 -11.66 -40.18
C CYS B 34 -5.92 -12.15 -40.45
N ASN B 35 -6.77 -12.17 -39.42
CA ASN B 35 -8.15 -12.61 -39.58
C ASN B 35 -9.08 -11.54 -40.11
N GLY B 36 -8.71 -10.27 -39.99
CA GLY B 36 -9.66 -9.21 -40.26
C GLY B 36 -10.90 -9.23 -39.38
N SER B 37 -10.78 -9.78 -38.17
CA SER B 37 -11.91 -9.80 -37.25
C SER B 37 -11.39 -9.62 -35.82
N ILE B 38 -12.26 -9.09 -34.97
CA ILE B 38 -11.94 -8.99 -33.55
C ILE B 38 -11.63 -10.36 -33.00
N LYS B 39 -10.55 -10.47 -32.22
CA LYS B 39 -10.25 -11.72 -31.55
C LYS B 39 -10.26 -11.53 -30.05
N ILE B 40 -10.98 -12.41 -29.36
CA ILE B 40 -11.11 -12.41 -27.91
C ILE B 40 -10.63 -13.76 -27.43
N HIS B 41 -9.56 -13.77 -26.65
CA HIS B 41 -9.09 -15.06 -26.13
C HIS B 41 -8.28 -14.84 -24.87
N ASP B 42 -8.00 -15.93 -24.17
CA ASP B 42 -7.25 -15.90 -22.93
C ASP B 42 -5.83 -16.41 -23.16
N ILE B 43 -4.84 -15.70 -22.64
CA ILE B 43 -3.47 -16.19 -22.55
C ILE B 43 -3.06 -16.11 -21.10
N ALA B 44 -2.68 -17.26 -20.53
CA ALA B 44 -2.19 -17.33 -19.14
C ALA B 44 -3.09 -16.57 -18.19
N GLY B 45 -4.40 -16.72 -18.35
CA GLY B 45 -5.33 -16.12 -17.40
C GLY B 45 -5.71 -14.68 -17.67
N ILE B 46 -5.19 -14.06 -18.73
CA ILE B 46 -5.57 -12.70 -19.08
C ILE B 46 -6.40 -12.72 -20.36
N THR B 47 -7.52 -12.01 -20.34
CA THR B 47 -8.39 -11.90 -21.50
C THR B 47 -7.91 -10.74 -22.37
N TYR B 48 -7.56 -11.05 -23.63
CA TYR B 48 -7.19 -10.04 -24.62
C TYR B 48 -8.33 -9.88 -25.61
N VAL B 49 -8.74 -8.63 -25.83
CA VAL B 49 -9.68 -8.22 -26.87
C VAL B 49 -8.90 -7.41 -27.89
N ALA B 50 -8.59 -8.00 -29.04
CA ALA B 50 -7.70 -7.39 -30.02
C ALA B 50 -8.52 -7.00 -31.25
N ILE B 51 -8.48 -5.73 -31.58
CA ILE B 51 -9.32 -5.15 -32.62
C ILE B 51 -8.48 -4.98 -33.88
N PRO B 52 -8.95 -5.45 -35.03
CA PRO B 52 -8.10 -5.45 -36.24
C PRO B 52 -7.86 -4.05 -36.77
N ALA B 53 -6.78 -3.91 -37.54
CA ALA B 53 -6.56 -2.66 -38.25
C ALA B 53 -7.58 -2.51 -39.38
N VAL B 54 -8.13 -1.31 -39.54
CA VAL B 54 -9.12 -1.05 -40.60
C VAL B 54 -8.59 0.05 -41.51
N SER B 55 -8.17 -0.33 -42.71
CA SER B 55 -7.47 0.64 -43.55
C SER B 55 -8.39 1.57 -44.30
N MET B 56 -9.69 1.27 -44.36
CA MET B 56 -10.58 1.98 -45.28
C MET B 56 -11.12 3.28 -44.71
N ILE B 57 -11.50 3.28 -43.43
CA ILE B 57 -12.22 4.41 -42.86
C ILE B 57 -11.41 5.71 -43.02
N GLN B 58 -12.14 6.84 -43.00
CA GLN B 58 -11.55 8.17 -43.21
C GLN B 58 -11.31 8.82 -41.86
N LEU B 59 -10.04 8.87 -41.44
CA LEU B 59 -9.68 9.52 -40.19
C LEU B 59 -9.64 11.04 -40.38
N GLY B 60 -9.75 11.76 -39.28
CA GLY B 60 -9.44 13.18 -39.26
C GLY B 60 -10.57 14.12 -38.89
N ASN B 61 -11.79 13.64 -38.63
CA ASN B 61 -12.94 14.52 -38.45
C ASN B 61 -13.53 14.32 -37.05
N LEU B 62 -13.50 15.38 -36.25
CA LEU B 62 -13.94 15.33 -34.86
C LEU B 62 -15.44 15.49 -34.74
N VAL B 63 -16.00 14.88 -33.69
CA VAL B 63 -17.41 15.06 -33.34
C VAL B 63 -17.55 14.82 -31.85
N GLY B 64 -18.53 15.50 -31.24
CA GLY B 64 -18.74 15.35 -29.81
C GLY B 64 -19.11 13.94 -29.42
N LEU B 65 -18.84 13.61 -28.15
CA LEU B 65 -19.26 12.31 -27.65
C LEU B 65 -20.78 12.19 -27.71
N PRO B 66 -21.31 10.97 -27.87
CA PRO B 66 -22.77 10.81 -27.92
C PRO B 66 -23.42 11.27 -26.62
N VAL B 67 -24.54 12.00 -26.78
CA VAL B 67 -25.35 12.43 -25.63
C VAL B 67 -26.63 11.62 -25.52
N THR B 68 -27.06 10.93 -26.56
CA THR B 68 -28.20 10.03 -26.50
C THR B 68 -27.83 8.70 -27.15
N GLY B 69 -28.46 7.64 -26.66
CA GLY B 69 -28.26 6.32 -27.19
C GLY B 69 -27.89 5.36 -26.08
N ASP B 70 -27.38 4.20 -26.46
CA ASP B 70 -26.95 3.20 -25.49
C ASP B 70 -25.47 3.29 -25.14
N VAL B 71 -24.74 4.21 -25.76
CA VAL B 71 -23.28 4.27 -25.65
C VAL B 71 -22.93 5.65 -25.11
N LEU B 72 -22.79 5.74 -23.78
CA LEU B 72 -22.58 6.99 -23.09
C LEU B 72 -21.28 6.96 -22.28
N PHE B 73 -20.80 8.15 -21.92
CA PHE B 73 -19.57 8.33 -21.17
C PHE B 73 -19.82 9.27 -19.98
N PRO B 74 -20.68 8.88 -19.05
CA PRO B 74 -20.99 9.78 -17.92
C PRO B 74 -19.77 10.19 -17.10
N GLY B 75 -18.72 9.36 -17.08
CA GLY B 75 -17.53 9.69 -16.31
C GLY B 75 -16.70 10.84 -16.86
N LEU B 76 -17.08 11.44 -17.99
CA LEU B 76 -16.27 12.49 -18.61
C LEU B 76 -17.03 13.81 -18.68
N SER B 77 -16.28 14.88 -18.91
CA SER B 77 -16.75 16.26 -18.78
C SER B 77 -17.93 16.58 -19.69
N SER B 78 -18.77 17.51 -19.22
CA SER B 78 -19.90 18.04 -19.97
C SER B 78 -19.78 19.54 -20.18
N ASP B 79 -18.61 20.12 -19.94
CA ASP B 79 -18.48 21.50 -19.44
C ASP B 79 -18.18 22.53 -20.50
N GLU B 80 -18.29 22.19 -21.78
CA GLU B 80 -18.39 23.09 -22.93
C GLU B 80 -17.08 23.81 -23.28
N PRO B 81 -15.93 23.27 -22.89
CA PRO B 81 -14.95 22.93 -23.93
C PRO B 81 -15.14 21.44 -24.16
N LEU B 82 -15.98 21.08 -25.13
CA LEU B 82 -16.60 19.76 -25.10
C LEU B 82 -15.66 18.70 -25.69
N PRO B 83 -15.57 17.54 -25.05
CA PRO B 83 -14.76 16.44 -25.60
C PRO B 83 -15.27 15.97 -26.96
N MET B 84 -14.34 15.76 -27.88
CA MET B 84 -14.68 15.20 -29.18
C MET B 84 -13.73 14.06 -29.50
N VAL B 85 -14.19 13.20 -30.39
CA VAL B 85 -13.49 12.00 -30.77
C VAL B 85 -13.57 11.88 -32.29
N ASP B 86 -12.75 11.00 -32.86
CA ASP B 86 -12.77 10.83 -34.32
C ASP B 86 -14.07 10.17 -34.74
N ALA B 87 -14.76 10.79 -35.69
CA ALA B 87 -16.10 10.35 -36.06
C ALA B 87 -16.07 8.97 -36.71
N ALA B 88 -15.05 8.71 -37.52
CA ALA B 88 -14.91 7.40 -38.14
C ALA B 88 -14.80 6.31 -37.08
N ILE B 89 -14.11 6.61 -35.98
CA ILE B 89 -13.91 5.62 -34.91
C ILE B 89 -15.18 5.40 -34.11
N LEU B 90 -15.90 6.47 -33.79
CA LEU B 90 -17.20 6.34 -33.14
C LEU B 90 -18.15 5.49 -34.00
N LYS B 91 -18.20 5.81 -35.30
CA LYS B 91 -19.06 5.07 -36.21
C LYS B 91 -18.63 3.61 -36.29
N LEU B 92 -17.34 3.34 -36.39
CA LEU B 92 -16.88 1.96 -36.44
C LEU B 92 -17.19 1.23 -35.14
N PHE B 93 -17.20 1.95 -34.01
CA PHE B 93 -17.58 1.32 -32.75
C PHE B 93 -19.02 0.85 -32.80
N LEU B 94 -19.93 1.71 -33.26
CA LEU B 94 -21.33 1.30 -33.36
C LEU B 94 -21.53 0.25 -34.44
N GLN B 95 -20.80 0.39 -35.54
CA GLN B 95 -20.87 -0.53 -36.67
C GLN B 95 -20.49 -1.93 -36.25
N LEU B 96 -19.36 -2.09 -35.57
CA LEU B 96 -18.93 -3.43 -35.22
C LEU B 96 -19.72 -4.03 -34.08
N LYS B 97 -20.66 -3.29 -33.51
CA LYS B 97 -21.49 -3.81 -32.41
C LYS B 97 -20.62 -4.21 -31.23
N ILE B 98 -19.68 -3.33 -30.88
CA ILE B 98 -18.75 -3.64 -29.80
C ILE B 98 -19.50 -3.74 -28.47
N LYS B 99 -20.30 -2.73 -28.14
CA LYS B 99 -20.99 -2.71 -26.85
C LYS B 99 -21.86 -3.95 -26.69
N GLU B 100 -22.88 -4.08 -27.55
CA GLU B 100 -23.84 -5.18 -27.45
C GLU B 100 -23.17 -6.55 -27.40
N GLY B 101 -21.99 -6.69 -28.03
CA GLY B 101 -21.31 -7.97 -28.02
C GLY B 101 -20.39 -8.19 -26.84
N LEU B 102 -19.38 -7.33 -26.71
CA LEU B 102 -18.36 -7.45 -25.67
C LEU B 102 -18.96 -7.59 -24.28
N GLU B 103 -20.11 -6.94 -24.04
CA GLU B 103 -20.79 -6.97 -22.75
C GLU B 103 -20.88 -8.38 -22.18
N LEU B 104 -21.47 -9.30 -22.95
CA LEU B 104 -21.63 -10.66 -22.45
C LEU B 104 -20.36 -11.49 -22.64
N GLU B 105 -19.57 -11.25 -23.67
CA GLU B 105 -18.35 -12.03 -23.80
C GLU B 105 -17.31 -11.70 -22.73
N LEU B 106 -17.50 -10.62 -21.97
CA LEU B 106 -16.58 -10.31 -20.88
C LEU B 106 -17.14 -10.60 -19.50
N LEU B 107 -18.47 -10.76 -19.37
CA LEU B 107 -19.08 -11.09 -18.08
C LEU B 107 -18.40 -12.30 -17.47
N GLY B 108 -17.94 -12.15 -16.23
CA GLY B 108 -17.24 -13.20 -15.54
C GLY B 108 -15.74 -13.21 -15.73
N LYS B 109 -15.19 -12.43 -16.66
CA LYS B 109 -13.74 -12.35 -16.76
C LYS B 109 -13.22 -11.37 -15.72
N LYS B 110 -11.93 -11.51 -15.39
CA LYS B 110 -11.38 -10.70 -14.31
C LYS B 110 -10.18 -9.84 -14.71
N LEU B 111 -9.48 -10.17 -15.79
CA LEU B 111 -8.38 -9.34 -16.25
C LEU B 111 -8.53 -9.14 -17.76
N VAL B 112 -8.75 -7.91 -18.19
CA VAL B 112 -9.05 -7.64 -19.60
C VAL B 112 -8.02 -6.67 -20.16
N VAL B 113 -7.36 -7.07 -21.24
CA VAL B 113 -6.58 -6.16 -22.05
C VAL B 113 -7.31 -5.91 -23.37
N ILE B 114 -7.50 -4.64 -23.70
CA ILE B 114 -8.05 -4.22 -24.99
C ILE B 114 -6.93 -3.59 -25.79
N THR B 115 -6.71 -4.11 -27.00
CA THR B 115 -5.48 -3.82 -27.72
C THR B 115 -5.78 -3.78 -29.21
N GLY B 116 -4.88 -3.16 -29.95
CA GLY B 116 -5.08 -2.98 -31.37
C GLY B 116 -3.91 -2.28 -32.03
N HIS B 117 -3.63 -2.65 -33.26
CA HIS B 117 -2.70 -1.95 -34.13
C HIS B 117 -3.44 -0.90 -34.94
N SER B 118 -2.81 0.25 -35.12
CA SER B 118 -3.30 1.28 -36.06
C SER B 118 -4.70 1.72 -35.63
N THR B 119 -5.63 1.92 -36.58
CA THR B 119 -7.00 2.26 -36.22
C THR B 119 -7.63 1.19 -35.34
N GLY B 120 -7.13 -0.06 -35.40
CA GLY B 120 -7.52 -1.04 -34.41
C GLY B 120 -7.17 -0.58 -33.00
N GLY B 121 -6.00 0.04 -32.84
CA GLY B 121 -5.63 0.57 -31.54
C GLY B 121 -6.46 1.79 -31.17
N ALA B 122 -6.82 2.63 -32.16
CA ALA B 122 -7.71 3.76 -31.87
C ALA B 122 -9.07 3.26 -31.38
N LEU B 123 -9.60 2.21 -32.01
CA LEU B 123 -10.85 1.65 -31.55
C LEU B 123 -10.70 0.99 -30.20
N ALA B 124 -9.57 0.33 -29.95
CA ALA B 124 -9.34 -0.29 -28.65
C ALA B 124 -9.32 0.75 -27.55
N ALA B 125 -8.65 1.88 -27.80
CA ALA B 125 -8.61 2.93 -26.80
C ALA B 125 -10.00 3.50 -26.56
N PHE B 126 -10.74 3.75 -27.64
CA PHE B 126 -12.12 4.21 -27.48
C PHE B 126 -12.92 3.23 -26.62
N THR B 127 -12.73 1.93 -26.86
CA THR B 127 -13.51 0.91 -26.18
C THR B 127 -13.15 0.83 -24.70
N ALA B 128 -11.84 0.84 -24.39
CA ALA B 128 -11.39 0.86 -23.01
C ALA B 128 -11.87 2.12 -22.30
N LEU B 129 -11.82 3.27 -22.98
CA LEU B 129 -12.35 4.50 -22.40
C LEU B 129 -13.83 4.33 -22.05
N TRP B 130 -14.60 3.78 -22.98
CA TRP B 130 -16.02 3.58 -22.74
C TRP B 130 -16.26 2.70 -21.51
N LEU B 131 -15.52 1.60 -21.42
CA LEU B 131 -15.62 0.70 -20.26
C LEU B 131 -15.26 1.42 -18.98
N LEU B 132 -14.32 2.35 -19.03
CA LEU B 132 -13.86 3.00 -17.82
C LEU B 132 -14.67 4.25 -17.49
N SER B 133 -15.59 4.67 -18.37
CA SER B 133 -16.30 5.93 -18.19
C SER B 133 -17.74 5.73 -17.74
N GLN B 134 -18.06 4.60 -17.12
CA GLN B 134 -19.40 4.37 -16.60
C GLN B 134 -19.49 4.80 -15.13
N SER B 135 -20.72 4.88 -14.62
CA SER B 135 -20.92 5.30 -13.23
C SER B 135 -20.33 4.29 -12.24
N SER B 136 -20.36 3.09 -12.57
CA SER B 136 -19.63 2.09 -11.81
C SER B 136 -18.34 1.72 -12.53
N PRO B 137 -17.27 1.38 -11.83
CA PRO B 137 -16.12 0.80 -12.51
C PRO B 137 -16.48 -0.55 -13.09
N PRO B 138 -15.77 -1.03 -14.09
CA PRO B 138 -16.03 -2.37 -14.62
C PRO B 138 -15.73 -3.42 -13.58
N SER B 139 -16.33 -4.57 -13.78
CA SER B 139 -16.07 -5.70 -12.86
C SER B 139 -14.95 -6.61 -13.35
N PHE B 140 -13.91 -6.00 -13.88
CA PHE B 140 -12.63 -6.59 -14.27
C PHE B 140 -11.63 -5.44 -14.32
N ARG B 141 -10.36 -5.74 -14.07
CA ARG B 141 -9.34 -4.73 -14.36
C ARG B 141 -9.25 -4.53 -15.86
N VAL B 142 -9.07 -3.28 -16.29
CA VAL B 142 -8.96 -2.93 -17.70
C VAL B 142 -7.60 -2.31 -17.94
N PHE B 143 -6.90 -2.80 -18.96
CA PHE B 143 -5.66 -2.17 -19.40
C PHE B 143 -5.68 -2.14 -20.92
N CYS B 144 -5.18 -1.06 -21.51
CA CYS B 144 -5.27 -0.88 -22.96
C CYS B 144 -3.89 -0.58 -23.53
N ILE B 145 -3.43 -1.43 -24.44
CA ILE B 145 -2.13 -1.27 -25.12
C ILE B 145 -2.42 -1.08 -26.61
N THR B 146 -1.92 0.02 -27.17
CA THR B 146 -2.08 0.25 -28.60
C THR B 146 -0.73 0.26 -29.29
N PHE B 147 -0.70 -0.07 -30.57
CA PHE B 147 0.54 -0.04 -31.34
C PHE B 147 0.31 0.82 -32.58
N GLY B 148 1.04 1.92 -32.68
CA GLY B 148 0.89 2.78 -33.84
C GLY B 148 -0.50 3.34 -34.04
N SER B 149 -1.16 3.73 -32.96
CA SER B 149 -2.50 4.27 -33.10
C SER B 149 -2.45 5.72 -33.55
N PRO B 150 -3.31 6.12 -34.49
CA PRO B 150 -3.53 7.56 -34.70
C PRO B 150 -4.17 8.14 -33.46
N LEU B 151 -4.12 9.47 -33.34
CA LEU B 151 -4.74 10.13 -32.21
C LEU B 151 -6.26 10.00 -32.29
N LEU B 152 -6.91 10.09 -31.14
CA LEU B 152 -8.33 9.74 -31.02
C LEU B 152 -9.25 10.94 -30.88
N GLY B 153 -8.88 11.91 -30.06
CA GLY B 153 -9.80 12.99 -29.75
C GLY B 153 -9.10 14.33 -29.64
N ASN B 154 -9.77 15.31 -29.05
CA ASN B 154 -9.25 16.66 -28.93
C ASN B 154 -8.65 16.89 -27.55
N GLN B 155 -8.19 18.11 -27.31
CA GLN B 155 -7.59 18.45 -26.02
C GLN B 155 -8.59 18.28 -24.89
N SER B 156 -9.86 18.67 -25.13
CA SER B 156 -10.84 18.56 -24.06
C SER B 156 -11.00 17.11 -23.62
N LEU B 157 -11.04 16.18 -24.57
CA LEU B 157 -11.11 14.77 -24.21
C LEU B 157 -9.92 14.37 -23.35
N SER B 158 -8.71 14.79 -23.76
CA SER B 158 -7.50 14.37 -23.08
C SER B 158 -7.47 14.89 -21.64
N THR B 159 -7.77 16.18 -21.46
CA THR B 159 -7.70 16.69 -20.09
C THR B 159 -8.83 16.11 -19.25
N SER B 160 -9.96 15.76 -19.87
CA SER B 160 -11.03 15.11 -19.14
C SER B 160 -10.61 13.72 -18.66
N ILE B 161 -9.92 12.98 -19.54
CA ILE B 161 -9.40 11.65 -19.17
C ILE B 161 -8.40 11.77 -18.02
N SER B 162 -7.51 12.75 -18.10
CA SER B 162 -6.58 13.01 -16.99
C SER B 162 -7.35 13.34 -15.72
N ARG B 163 -8.33 14.23 -15.82
CA ARG B 163 -9.07 14.68 -14.64
C ARG B 163 -9.82 13.52 -13.99
N SER B 164 -10.36 12.60 -14.79
CA SER B 164 -11.00 11.41 -14.27
C SER B 164 -10.04 10.33 -13.80
N ARG B 165 -8.72 10.56 -13.90
CA ARG B 165 -7.73 9.61 -13.39
C ARG B 165 -7.79 8.27 -14.13
N LEU B 166 -8.01 8.32 -15.44
CA LEU B 166 -8.02 7.12 -16.26
C LEU B 166 -6.80 7.01 -17.17
N ALA B 167 -5.90 7.99 -17.17
CA ALA B 167 -4.87 8.06 -18.21
C ALA B 167 -3.87 6.91 -18.10
N HIS B 168 -3.58 6.44 -16.88
CA HIS B 168 -2.61 5.39 -16.65
C HIS B 168 -3.11 4.01 -17.07
N ASN B 169 -4.39 3.88 -17.42
CA ASN B 169 -4.89 2.64 -17.99
C ASN B 169 -4.49 2.44 -19.45
N PHE B 170 -3.81 3.42 -20.05
CA PHE B 170 -3.43 3.35 -21.46
C PHE B 170 -1.93 3.37 -21.62
N CYS B 171 -1.43 2.49 -22.49
CA CYS B 171 -0.05 2.53 -22.95
C CYS B 171 -0.04 2.51 -24.47
N HIS B 172 0.38 3.61 -25.09
CA HIS B 172 0.42 3.69 -26.55
C HIS B 172 1.86 3.51 -27.01
N VAL B 173 2.15 2.35 -27.59
CA VAL B 173 3.47 2.06 -28.14
C VAL B 173 3.56 2.79 -29.49
N VAL B 174 4.58 3.63 -29.62
CA VAL B 174 4.79 4.36 -30.86
C VAL B 174 6.25 4.18 -31.29
N SER B 175 6.44 3.41 -32.35
CA SER B 175 7.70 3.40 -33.07
C SER B 175 8.10 4.82 -33.48
N ILE B 176 9.36 5.15 -33.24
CA ILE B 176 9.86 6.49 -33.49
C ILE B 176 9.83 6.85 -34.98
N HIS B 177 9.81 5.85 -35.86
CA HIS B 177 9.73 6.13 -37.29
C HIS B 177 8.35 5.87 -37.86
N ASP B 178 7.34 5.67 -37.01
CA ASP B 178 5.96 5.46 -37.46
C ASP B 178 5.28 6.82 -37.60
N LEU B 179 4.94 7.18 -38.84
CA LEU B 179 4.39 8.51 -39.10
C LEU B 179 2.97 8.66 -38.61
N VAL B 180 2.22 7.57 -38.54
CA VAL B 180 0.78 7.66 -38.29
C VAL B 180 0.45 8.34 -36.96
N PRO B 181 1.10 8.01 -35.83
CA PRO B 181 0.72 8.66 -34.58
C PRO B 181 1.12 10.11 -34.52
N ARG B 182 2.13 10.51 -35.27
CA ARG B 182 2.63 11.88 -35.26
C ARG B 182 1.94 12.76 -36.29
N SER B 183 1.00 12.20 -37.08
CA SER B 183 0.50 12.83 -38.30
C SER B 183 -0.99 13.14 -38.28
N SER B 184 -1.66 13.07 -37.13
CA SER B 184 -3.05 13.49 -37.08
C SER B 184 -3.13 15.01 -37.21
N ASN B 185 -4.31 15.50 -37.60
CA ASN B 185 -4.51 16.92 -37.77
C ASN B 185 -4.40 17.65 -36.43
N GLU B 186 -4.11 18.95 -36.49
CA GLU B 186 -3.62 19.63 -35.30
C GLU B 186 -4.66 19.78 -34.19
N GLN B 187 -5.94 19.59 -34.49
CA GLN B 187 -6.97 19.64 -33.46
C GLN B 187 -6.94 18.43 -32.53
N PHE B 188 -6.25 17.34 -32.89
CA PHE B 188 -6.19 16.14 -32.08
C PHE B 188 -5.09 16.23 -31.03
N TRP B 189 -5.35 15.66 -29.86
CA TRP B 189 -4.41 15.62 -28.74
C TRP B 189 -4.21 14.19 -28.27
N PRO B 190 -3.02 13.84 -27.81
CA PRO B 190 -2.82 12.53 -27.18
C PRO B 190 -3.38 12.51 -25.77
N PHE B 191 -3.66 11.30 -25.30
CA PHE B 191 -3.93 11.05 -23.88
C PHE B 191 -3.35 9.70 -23.51
N GLY B 192 -3.10 9.53 -22.21
CA GLY B 192 -2.52 8.30 -21.71
C GLY B 192 -1.02 8.32 -21.87
N THR B 193 -0.40 7.25 -21.40
CA THR B 193 1.05 7.15 -21.43
C THR B 193 1.52 6.64 -22.77
N TYR B 194 2.52 7.31 -23.34
CA TYR B 194 3.14 6.93 -24.60
C TYR B 194 4.47 6.25 -24.35
N LEU B 195 4.64 5.10 -24.96
CA LEU B 195 5.91 4.38 -24.97
C LEU B 195 6.50 4.62 -26.37
N PHE B 196 7.40 5.58 -26.45
CA PHE B 196 8.16 5.81 -27.67
C PHE B 196 9.31 4.82 -27.70
N CYS B 197 9.55 4.23 -28.87
CA CYS B 197 10.45 3.10 -28.90
C CYS B 197 11.20 3.11 -30.22
N SER B 198 12.34 2.44 -30.20
CA SER B 198 13.25 2.35 -31.33
C SER B 198 13.86 0.95 -31.31
N ASP B 199 14.83 0.72 -32.20
CA ASP B 199 15.62 -0.51 -32.13
C ASP B 199 16.51 -0.57 -30.91
N LYS B 200 16.69 0.53 -30.20
CA LYS B 200 17.60 0.57 -29.06
C LYS B 200 16.92 0.57 -27.70
N GLY B 201 15.58 0.61 -27.61
CA GLY B 201 14.90 0.66 -26.34
C GLY B 201 13.68 1.57 -26.36
N GLY B 202 13.12 1.81 -25.16
CA GLY B 202 11.89 2.57 -25.05
C GLY B 202 11.95 3.62 -23.95
N VAL B 203 11.03 4.58 -24.06
CA VAL B 203 10.93 5.72 -23.15
C VAL B 203 9.46 6.08 -22.99
N CYS B 204 8.99 6.15 -21.74
CA CYS B 204 7.60 6.48 -21.44
C CYS B 204 7.45 7.96 -21.10
N LEU B 205 6.43 8.58 -21.69
CA LEU B 205 6.01 9.94 -21.36
C LEU B 205 4.52 9.88 -21.06
N ASP B 206 4.11 10.40 -19.90
CA ASP B 206 2.75 10.24 -19.41
C ASP B 206 1.95 11.52 -19.47
N ASN B 207 2.55 12.57 -20.01
CA ASN B 207 2.07 13.94 -19.95
C ASN B 207 1.76 14.40 -21.38
N ALA B 208 0.55 14.92 -21.61
CA ALA B 208 0.15 15.21 -22.99
C ALA B 208 1.05 16.27 -23.62
N GLY B 209 1.48 17.27 -22.86
CA GLY B 209 2.40 18.26 -23.39
C GLY B 209 3.72 17.67 -23.83
N SER B 210 4.31 16.78 -23.01
CA SER B 210 5.55 16.15 -23.39
C SER B 210 5.37 15.28 -24.63
N VAL B 211 4.22 14.60 -24.73
CA VAL B 211 3.97 13.76 -25.91
C VAL B 211 3.90 14.62 -27.15
N ARG B 212 3.19 15.75 -27.06
CA ARG B 212 3.07 16.65 -28.19
C ARG B 212 4.43 17.21 -28.59
N LEU B 213 5.23 17.58 -27.60
CA LEU B 213 6.58 18.03 -27.87
C LEU B 213 7.34 16.98 -28.64
N MET B 214 7.28 15.72 -28.16
CA MET B 214 7.99 14.63 -28.81
C MET B 214 7.49 14.43 -30.24
N PHE B 215 6.18 14.57 -30.45
CA PHE B 215 5.63 14.53 -31.82
C PHE B 215 6.32 15.56 -32.71
N ASN B 216 6.46 16.78 -32.21
CA ASN B 216 7.10 17.83 -33.02
C ASN B 216 8.57 17.49 -33.29
N ILE B 217 9.30 17.12 -32.24
CA ILE B 217 10.70 16.71 -32.39
C ILE B 217 10.81 15.66 -33.48
N LEU B 218 10.02 14.60 -33.36
CA LEU B 218 10.15 13.48 -34.28
C LEU B 218 9.80 13.90 -35.70
N ASN B 219 8.81 14.80 -35.85
CA ASN B 219 8.48 15.33 -37.17
C ASN B 219 9.59 16.19 -37.76
N THR B 220 10.60 16.57 -36.96
CA THR B 220 11.78 17.16 -37.59
C THR B 220 12.80 16.14 -38.11
N THR B 221 12.63 14.83 -37.87
CA THR B 221 13.58 13.83 -38.36
C THR B 221 13.16 13.39 -39.77
N ALA B 222 13.77 12.33 -40.31
CA ALA B 222 14.02 12.16 -41.75
C ALA B 222 13.12 11.20 -42.55
N THR B 223 13.30 9.88 -42.45
CA THR B 223 12.75 8.99 -43.50
C THR B 223 11.27 8.63 -43.24
N GLN B 224 10.47 8.66 -44.32
CA GLN B 224 9.00 8.71 -44.29
C GLN B 224 8.29 7.46 -44.85
N ASN B 225 9.01 6.39 -45.22
CA ASN B 225 8.36 5.29 -45.92
C ASN B 225 7.18 4.74 -45.11
N THR B 226 6.03 4.58 -45.79
CA THR B 226 4.77 4.24 -45.09
C THR B 226 4.86 2.93 -44.32
N GLU B 227 5.69 1.99 -44.78
CA GLU B 227 5.66 0.63 -44.22
C GLU B 227 6.35 0.52 -42.86
N GLU B 228 6.89 1.61 -42.31
CA GLU B 228 7.35 1.55 -40.93
C GLU B 228 6.18 1.34 -39.98
N HIS B 229 4.99 1.84 -40.35
CA HIS B 229 3.74 1.60 -39.64
C HIS B 229 3.44 0.11 -39.50
N GLN B 230 4.09 -0.74 -40.31
CA GLN B 230 3.81 -2.17 -40.40
C GLN B 230 4.85 -3.04 -39.71
N ARG B 231 5.72 -2.45 -38.89
CA ARG B 231 6.88 -3.16 -38.34
C ARG B 231 6.82 -3.34 -36.82
N TYR B 232 5.63 -3.29 -36.23
CA TYR B 232 5.58 -3.38 -34.77
C TYR B 232 5.98 -4.75 -34.28
N GLY B 233 5.72 -5.81 -35.05
CA GLY B 233 6.17 -7.14 -34.63
C GLY B 233 7.67 -7.21 -34.45
N HIS B 234 8.42 -6.53 -35.33
CA HIS B 234 9.86 -6.50 -35.20
C HIS B 234 10.30 -5.76 -33.95
N TYR B 235 9.67 -4.61 -33.66
CA TYR B 235 10.05 -3.84 -32.48
C TYR B 235 9.64 -4.56 -31.19
N VAL B 236 8.43 -5.12 -31.15
CA VAL B 236 8.03 -5.89 -29.97
C VAL B 236 9.01 -7.03 -29.72
N PHE B 237 9.43 -7.72 -30.77
CA PHE B 237 10.36 -8.83 -30.60
C PHE B 237 11.71 -8.36 -30.07
N THR B 238 12.28 -7.34 -30.73
CA THR B 238 13.60 -6.85 -30.33
C THR B 238 13.58 -6.34 -28.89
N LEU B 239 12.61 -5.50 -28.57
CA LEU B 239 12.50 -4.93 -27.24
C LEU B 239 12.36 -6.03 -26.19
N SER B 240 11.43 -6.97 -26.40
CA SER B 240 11.22 -8.00 -25.41
C SER B 240 12.37 -9.00 -25.32
N HIS B 241 13.33 -8.96 -26.24
CA HIS B 241 14.51 -9.82 -26.08
C HIS B 241 15.75 -9.06 -25.63
N MET B 242 15.68 -7.75 -25.45
CA MET B 242 16.87 -7.04 -24.98
C MET B 242 17.37 -7.46 -23.59
N PHE B 243 16.64 -8.30 -22.84
CA PHE B 243 17.09 -8.56 -21.47
C PHE B 243 18.35 -9.43 -21.42
N LEU B 244 18.66 -10.13 -22.50
CA LEU B 244 19.87 -10.94 -22.52
C LEU B 244 21.14 -10.11 -22.68
N LYS B 245 21.02 -8.88 -23.17
CA LYS B 245 22.18 -8.10 -23.59
C LYS B 245 22.46 -6.99 -22.58
N SER B 246 23.74 -6.75 -22.34
CA SER B 246 24.18 -5.69 -21.43
C SER B 246 24.28 -4.38 -22.20
N ARG B 247 23.60 -3.34 -21.71
CA ARG B 247 23.42 -2.09 -22.46
C ARG B 247 23.99 -0.90 -21.69
N SER B 248 25.21 -0.51 -22.00
CA SER B 248 25.81 0.65 -21.36
C SER B 248 25.73 1.88 -22.27
N PHE B 249 26.08 3.02 -21.68
CA PHE B 249 26.05 4.30 -22.40
C PHE B 249 27.07 4.27 -23.53
N LEU B 250 26.64 4.67 -24.73
CA LEU B 250 27.44 4.56 -25.93
C LEU B 250 28.06 5.87 -26.40
N GLY B 251 27.57 7.01 -25.93
CA GLY B 251 28.28 8.25 -26.08
C GLY B 251 29.45 8.29 -25.11
N GLY B 252 30.20 9.38 -25.16
CA GLY B 252 31.38 9.44 -24.31
C GLY B 252 31.08 9.74 -22.86
N SER B 253 30.52 10.93 -22.62
CA SER B 253 30.52 11.58 -21.31
C SER B 253 29.20 11.34 -20.58
N ILE B 254 29.11 10.24 -19.84
CA ILE B 254 27.92 9.99 -19.03
C ILE B 254 28.01 10.89 -17.79
N PRO B 255 27.03 11.76 -17.58
CA PRO B 255 27.28 13.01 -16.84
C PRO B 255 27.45 12.96 -15.33
N ASP B 256 28.03 11.90 -14.76
CA ASP B 256 28.35 11.86 -13.33
C ASP B 256 27.12 11.97 -12.45
N ASN B 257 26.44 13.11 -12.55
CA ASN B 257 25.19 13.34 -11.85
C ASN B 257 24.18 12.24 -12.17
N SER B 258 23.54 11.72 -11.12
CA SER B 258 22.68 10.56 -11.29
C SER B 258 21.46 10.87 -12.15
N TYR B 259 20.79 12.00 -11.90
CA TYR B 259 19.62 12.36 -12.70
C TYR B 259 19.99 12.60 -14.16
N GLN B 260 21.03 13.40 -14.42
CA GLN B 260 21.40 13.68 -15.80
C GLN B 260 21.89 12.43 -16.51
N ALA B 261 22.41 11.46 -15.75
CA ALA B 261 22.81 10.19 -16.33
C ALA B 261 21.61 9.41 -16.85
N GLY B 262 20.57 9.29 -16.03
CA GLY B 262 19.37 8.57 -16.46
C GLY B 262 18.70 9.24 -17.66
N VAL B 263 18.74 10.57 -17.70
CA VAL B 263 18.23 11.29 -18.85
C VAL B 263 19.03 10.94 -20.11
N ALA B 264 20.37 10.97 -20.00
CA ALA B 264 21.21 10.68 -21.17
C ALA B 264 20.97 9.26 -21.67
N LEU B 265 20.80 8.31 -20.75
CA LEU B 265 20.48 6.94 -21.16
C LEU B 265 19.12 6.85 -21.83
N ALA B 266 18.15 7.66 -21.40
CA ALA B 266 16.84 7.64 -22.05
C ALA B 266 16.93 8.15 -23.49
N VAL B 267 17.64 9.27 -23.69
CA VAL B 267 17.90 9.80 -25.03
C VAL B 267 18.53 8.72 -25.92
N GLU B 268 19.54 8.02 -25.38
CA GLU B 268 20.14 6.94 -26.16
C GLU B 268 19.14 5.81 -26.44
N ALA B 269 18.22 5.52 -25.50
CA ALA B 269 17.24 4.45 -25.74
C ALA B 269 16.30 4.80 -26.87
N LEU B 270 16.02 6.08 -27.06
CA LEU B 270 15.30 6.48 -28.26
C LEU B 270 16.20 6.51 -29.48
N GLY B 271 17.50 6.39 -29.27
CA GLY B 271 18.40 6.21 -30.38
C GLY B 271 19.01 7.48 -30.89
N PHE B 272 18.89 8.56 -30.15
CA PHE B 272 19.53 9.81 -30.52
C PHE B 272 20.83 9.96 -29.75
N SER B 273 21.74 10.75 -30.31
CA SER B 273 23.00 11.04 -29.65
C SER B 273 22.87 12.37 -28.93
N ASN B 274 23.41 12.42 -27.71
CA ASN B 274 23.28 13.61 -26.85
C ASN B 274 24.08 14.78 -27.44
N ASP B 275 24.73 14.57 -28.59
CA ASP B 275 25.49 15.60 -29.30
C ASP B 275 24.73 16.23 -30.45
N ASP B 276 23.83 15.50 -31.12
CA ASP B 276 23.08 16.04 -32.25
C ASP B 276 22.04 17.06 -31.78
N THR B 277 21.49 17.82 -32.73
CA THR B 277 20.43 18.75 -32.37
C THR B 277 19.20 18.00 -31.87
N SER B 278 18.80 16.94 -32.60
CA SER B 278 17.60 16.21 -32.22
C SER B 278 17.75 15.61 -30.83
N GLY B 279 18.92 15.05 -30.53
CA GLY B 279 19.14 14.50 -29.20
C GLY B 279 19.01 15.53 -28.11
N VAL B 280 19.48 16.75 -28.36
CA VAL B 280 19.34 17.82 -27.37
C VAL B 280 17.86 18.14 -27.13
N LEU B 281 17.06 18.14 -28.19
CA LEU B 281 15.64 18.42 -28.02
C LEU B 281 14.96 17.30 -27.25
N VAL B 282 15.31 16.05 -27.55
CA VAL B 282 14.75 14.92 -26.82
C VAL B 282 15.15 15.00 -25.35
N LYS B 283 16.41 15.36 -25.09
CA LYS B 283 16.86 15.53 -23.71
C LYS B 283 16.00 16.55 -22.99
N GLU B 284 15.84 17.73 -23.58
CA GLU B 284 15.08 18.79 -22.93
C GLU B 284 13.64 18.36 -22.68
N CYS B 285 13.06 17.64 -23.65
CA CYS B 285 11.69 17.13 -23.51
C CYS B 285 11.56 16.18 -22.31
N ILE B 286 12.46 15.19 -22.24
CA ILE B 286 12.42 14.26 -21.12
C ILE B 286 12.65 14.99 -19.81
N GLU B 287 13.55 15.99 -19.81
CA GLU B 287 13.90 16.73 -18.61
C GLU B 287 12.73 17.54 -18.08
N THR B 288 11.90 18.07 -18.98
CA THR B 288 10.76 18.88 -18.59
C THR B 288 9.48 18.08 -18.57
N ALA B 289 9.55 16.75 -18.71
CA ALA B 289 8.35 15.97 -18.47
C ALA B 289 8.03 15.80 -16.99
N THR B 290 9.05 15.72 -16.11
CA THR B 290 8.86 15.16 -14.77
C THR B 290 8.04 16.08 -13.86
N ARG B 291 8.35 17.39 -13.84
CA ARG B 291 7.90 18.42 -12.90
C ARG B 291 8.09 18.01 -11.43
N ILE B 292 9.10 18.61 -10.78
CA ILE B 292 9.66 18.10 -9.52
C ILE B 292 8.77 18.51 -8.34
N VAL B 293 8.55 17.57 -7.40
CA VAL B 293 7.82 17.80 -6.16
C VAL B 293 8.46 17.02 -5.02
N ARG B 294 8.02 17.31 -3.81
CA ARG B 294 8.38 16.47 -2.68
C ARG B 294 7.67 15.12 -2.80
N ALA B 295 8.42 14.05 -2.53
CA ALA B 295 7.92 12.69 -2.65
C ALA B 295 6.51 12.57 -2.06
N PRO B 296 5.50 12.25 -2.88
CA PRO B 296 4.12 12.19 -2.36
C PRO B 296 3.92 11.21 -1.23
N ILE B 297 4.68 10.12 -1.18
CA ILE B 297 4.53 9.19 -0.06
C ILE B 297 4.93 9.88 1.23
N LEU B 298 6.05 10.62 1.21
CA LEU B 298 6.45 11.36 2.40
C LEU B 298 5.48 12.51 2.68
N ARG B 299 5.03 13.19 1.63
CA ARG B 299 4.10 14.31 1.81
C ARG B 299 2.84 13.83 2.51
N SER B 300 2.34 12.66 2.13
CA SER B 300 1.15 12.09 2.75
C SER B 300 1.37 11.75 4.22
N ALA B 301 2.55 11.19 4.54
CA ALA B 301 2.82 10.82 5.92
C ALA B 301 2.92 12.05 6.81
N GLU B 302 3.70 13.04 6.39
CA GLU B 302 3.83 14.24 7.20
C GLU B 302 2.56 15.09 7.22
N LEU B 303 1.65 14.94 6.25
CA LEU B 303 0.38 15.67 6.28
C LEU B 303 -0.42 15.39 7.55
N ALA B 304 -0.12 14.30 8.26
CA ALA B 304 -0.82 14.01 9.50
C ALA B 304 -0.57 15.09 10.53
N ASN B 305 0.65 15.63 10.56
CA ASN B 305 0.95 16.71 11.49
C ASN B 305 0.20 17.99 11.13
N GLU B 306 -0.05 18.22 9.84
CA GLU B 306 -0.76 19.42 9.44
C GLU B 306 -2.24 19.30 9.72
N LEU B 307 -2.78 18.10 9.54
CA LEU B 307 -4.15 17.88 10.00
C LEU B 307 -4.24 18.12 11.50
N ALA B 308 -3.28 17.60 12.27
CA ALA B 308 -3.26 17.82 13.71
C ALA B 308 -3.19 19.30 14.05
N SER B 309 -2.34 20.05 13.36
CA SER B 309 -2.17 21.47 13.63
C SER B 309 -3.41 22.28 13.28
N VAL B 310 -4.21 21.83 12.32
CA VAL B 310 -5.44 22.58 12.03
C VAL B 310 -6.61 22.07 12.88
N LEU B 311 -6.51 20.89 13.47
CA LEU B 311 -7.62 20.32 14.22
C LEU B 311 -8.19 21.21 15.32
N PRO B 312 -7.41 21.99 16.08
CA PRO B 312 -8.03 22.87 17.08
C PRO B 312 -9.17 23.73 16.51
N ALA B 313 -9.14 24.08 15.21
CA ALA B 313 -10.26 24.80 14.63
C ALA B 313 -11.52 23.95 14.62
N ARG B 314 -11.39 22.66 14.28
CA ARG B 314 -12.55 21.78 14.33
C ARG B 314 -13.05 21.64 15.77
N LEU B 315 -12.11 21.50 16.72
CA LEU B 315 -12.49 21.46 18.13
C LEU B 315 -13.24 22.73 18.51
N GLU B 316 -12.85 23.88 17.94
CA GLU B 316 -13.55 25.13 18.21
C GLU B 316 -14.99 25.05 17.72
N ILE B 317 -15.21 24.44 16.55
CA ILE B 317 -16.59 24.27 16.12
C ILE B 317 -17.33 23.37 17.10
N GLN B 318 -16.67 22.33 17.60
CA GLN B 318 -17.34 21.43 18.55
C GLN B 318 -17.74 22.17 19.82
N TRP B 319 -16.84 22.99 20.33
CA TRP B 319 -17.09 23.76 21.54
C TRP B 319 -18.22 24.76 21.33
N TYR B 320 -18.18 25.47 20.19
CA TYR B 320 -19.24 26.40 19.82
C TYR B 320 -20.60 25.71 19.74
N LYS B 321 -20.63 24.53 19.13
CA LYS B 321 -21.88 23.77 18.98
C LYS B 321 -22.45 23.38 20.35
N ASP B 322 -21.59 22.89 21.25
CA ASP B 322 -22.04 22.58 22.59
C ASP B 322 -22.61 23.82 23.29
N ARG B 323 -21.87 24.94 23.24
CA ARG B 323 -22.32 26.17 23.90
C ARG B 323 -23.68 26.63 23.37
N CYS B 324 -23.89 26.50 22.05
CA CYS B 324 -25.20 26.82 21.49
C CYS B 324 -26.28 25.89 22.02
N ASP B 325 -25.97 24.59 22.08
CA ASP B 325 -26.92 23.65 22.68
C ASP B 325 -27.32 24.08 24.08
N ALA B 326 -26.36 24.62 24.84
CA ALA B 326 -26.66 25.02 26.21
C ALA B 326 -27.32 26.41 26.30
N SER B 327 -27.34 27.19 25.22
CA SER B 327 -27.95 28.52 25.30
C SER B 327 -29.46 28.46 25.45
N GLU B 328 -30.01 29.39 26.24
CA GLU B 328 -31.44 29.46 26.49
C GLU B 328 -32.25 29.85 25.26
N GLU B 329 -31.64 30.55 24.29
CA GLU B 329 -32.39 30.91 23.09
C GLU B 329 -32.78 29.70 22.26
N GLN B 330 -32.03 28.59 22.38
CA GLN B 330 -32.38 27.33 21.73
C GLN B 330 -32.59 27.51 20.22
N LEU B 331 -31.60 28.11 19.57
CA LEU B 331 -31.64 28.27 18.12
C LEU B 331 -31.00 27.11 17.37
N GLY B 332 -30.17 26.30 18.04
CA GLY B 332 -29.31 25.38 17.32
C GLY B 332 -28.20 26.16 16.65
N TYR B 333 -27.00 25.59 16.57
CA TYR B 333 -25.85 26.38 16.14
C TYR B 333 -25.92 26.81 14.67
N TYR B 334 -26.73 26.15 13.83
CA TYR B 334 -26.89 26.65 12.46
C TYR B 334 -27.51 28.05 12.45
N ASP B 335 -28.65 28.20 13.14
CA ASP B 335 -29.35 29.49 13.12
C ASP B 335 -28.63 30.52 13.98
N PHE B 336 -27.98 30.10 15.07
CA PHE B 336 -27.09 30.98 15.81
C PHE B 336 -26.05 31.60 14.88
N PHE B 337 -25.32 30.75 14.14
CA PHE B 337 -24.25 31.26 13.29
C PHE B 337 -24.79 32.11 12.16
N LYS B 338 -25.95 31.74 11.60
CA LYS B 338 -26.56 32.57 10.55
C LYS B 338 -26.93 33.96 11.08
N ARG B 339 -27.50 34.03 12.29
CA ARG B 339 -27.82 35.30 12.93
C ARG B 339 -26.56 36.15 13.13
N TYR B 340 -25.49 35.53 13.65
CA TYR B 340 -24.16 36.15 13.66
C TYR B 340 -24.07 37.35 14.61
N SER B 341 -24.84 37.31 15.70
CA SER B 341 -24.92 38.41 16.66
C SER B 341 -23.71 38.46 17.58
N LEU B 342 -23.32 37.30 18.11
CA LEU B 342 -22.49 37.27 19.29
C LEU B 342 -21.03 37.19 18.91
N LYS B 343 -20.16 37.49 19.88
CA LYS B 343 -18.73 37.36 19.65
C LYS B 343 -18.34 35.89 19.45
N ARG B 344 -19.00 34.96 20.14
CA ARG B 344 -18.78 33.53 19.88
C ARG B 344 -18.99 33.19 18.40
N ASP B 345 -19.94 33.84 17.72
CA ASP B 345 -20.13 33.59 16.29
C ASP B 345 -18.92 34.07 15.47
N PHE B 346 -18.47 35.29 15.73
CA PHE B 346 -17.28 35.80 15.07
C PHE B 346 -16.06 34.93 15.35
N LYS B 347 -15.95 34.39 16.57
CA LYS B 347 -14.78 33.58 16.89
C LYS B 347 -14.80 32.28 16.09
N VAL B 348 -15.92 31.55 16.11
CA VAL B 348 -15.94 30.26 15.42
C VAL B 348 -15.85 30.45 13.90
N ASN B 349 -16.24 31.62 13.39
CA ASN B 349 -16.08 31.84 11.95
C ASN B 349 -14.61 31.79 11.54
N MET B 350 -13.70 32.27 12.39
CA MET B 350 -12.28 32.14 12.11
C MET B 350 -11.90 30.68 11.91
N SER B 351 -12.46 29.78 12.73
CA SER B 351 -12.12 28.37 12.62
C SER B 351 -12.72 27.78 11.33
N ARG B 352 -13.96 28.16 11.02
CA ARG B 352 -14.57 27.74 9.76
C ARG B 352 -13.65 28.06 8.59
N ILE B 353 -13.07 29.27 8.59
CA ILE B 353 -12.21 29.67 7.48
C ILE B 353 -10.92 28.88 7.48
N ARG B 354 -10.31 28.68 8.66
CA ARG B 354 -9.07 27.90 8.73
C ARG B 354 -9.26 26.50 8.15
N LEU B 355 -10.33 25.82 8.55
CA LEU B 355 -10.59 24.48 8.06
C LEU B 355 -10.87 24.45 6.56
N ALA B 356 -11.66 25.43 6.07
CA ALA B 356 -11.90 25.50 4.62
C ALA B 356 -10.61 25.65 3.83
N LYS B 357 -9.69 26.51 4.29
CA LYS B 357 -8.43 26.64 3.56
C LYS B 357 -7.59 25.36 3.64
N PHE B 358 -7.56 24.68 4.80
CA PHE B 358 -6.78 23.44 4.87
C PHE B 358 -7.32 22.40 3.87
N TRP B 359 -8.62 22.11 3.94
CA TRP B 359 -9.13 21.04 3.08
C TRP B 359 -9.11 21.44 1.62
N ASP B 360 -9.25 22.74 1.29
CA ASP B 360 -8.98 23.20 -0.07
C ASP B 360 -7.55 22.86 -0.49
N THR B 361 -6.58 23.10 0.40
CA THR B 361 -5.19 22.85 0.05
C THR B 361 -4.94 21.36 -0.16
N VAL B 362 -5.52 20.52 0.70
CA VAL B 362 -5.36 19.08 0.57
C VAL B 362 -5.92 18.60 -0.75
N ILE B 363 -7.12 19.08 -1.10
CA ILE B 363 -7.77 18.61 -2.33
C ILE B 363 -7.03 19.11 -3.58
N LYS B 364 -6.45 20.31 -3.54
CA LYS B 364 -5.62 20.74 -4.66
C LYS B 364 -4.39 19.86 -4.80
N MET B 365 -3.73 19.56 -3.66
CA MET B 365 -2.57 18.65 -3.67
C MET B 365 -2.94 17.32 -4.31
N VAL B 366 -4.12 16.81 -4.00
CA VAL B 366 -4.58 15.57 -4.63
C VAL B 366 -4.68 15.76 -6.14
N GLU B 367 -5.34 16.85 -6.58
CA GLU B 367 -5.53 17.07 -8.02
C GLU B 367 -4.21 17.20 -8.75
N THR B 368 -3.25 17.88 -8.16
CA THR B 368 -1.97 18.14 -8.80
C THR B 368 -0.94 17.05 -8.51
N ASN B 369 -1.35 15.95 -7.86
CA ASN B 369 -0.49 14.79 -7.66
C ASN B 369 0.64 15.09 -6.68
N GLU B 370 0.45 16.03 -5.76
CA GLU B 370 1.42 16.19 -4.70
C GLU B 370 1.23 15.15 -3.60
N LEU B 371 0.08 14.48 -3.59
CA LEU B 371 -0.34 13.38 -2.76
C LEU B 371 -0.50 12.13 -3.61
N PRO B 372 -0.29 10.94 -3.05
CA PRO B 372 -0.26 9.73 -3.87
C PRO B 372 -1.60 9.47 -4.56
N PHE B 373 -1.53 8.67 -5.64
CA PHE B 373 -2.72 8.41 -6.44
C PHE B 373 -3.82 7.76 -5.62
N ASP B 374 -3.47 7.07 -4.53
CA ASP B 374 -4.46 6.38 -3.72
C ASP B 374 -4.65 7.04 -2.35
N PHE B 375 -4.27 8.31 -2.22
CA PHE B 375 -4.39 9.04 -0.98
C PHE B 375 -5.83 8.99 -0.44
N HIS B 376 -6.80 9.24 -1.30
CA HIS B 376 -8.18 9.38 -0.86
C HIS B 376 -8.81 8.05 -0.43
N LEU B 377 -8.09 6.94 -0.58
CA LEU B 377 -8.58 5.64 -0.12
C LEU B 377 -8.16 5.32 1.30
N GLY B 378 -7.26 6.09 1.90
CA GLY B 378 -6.87 5.84 3.28
C GLY B 378 -8.01 6.16 4.24
N LYS B 379 -8.33 5.20 5.11
CA LYS B 379 -9.41 5.39 6.08
C LYS B 379 -9.24 6.67 6.90
N LYS B 380 -8.00 7.01 7.25
CA LYS B 380 -7.76 8.18 8.10
C LYS B 380 -8.28 9.45 7.46
N TRP B 381 -8.09 9.58 6.15
CA TRP B 381 -8.44 10.80 5.47
C TRP B 381 -9.91 10.83 5.13
N ILE B 382 -10.47 9.65 4.79
CA ILE B 382 -11.91 9.54 4.59
C ILE B 382 -12.64 10.05 5.83
N TYR B 383 -12.25 9.56 7.01
CA TYR B 383 -12.97 9.92 8.22
C TYR B 383 -12.59 11.29 8.77
N ALA B 384 -11.33 11.73 8.64
CA ALA B 384 -11.01 13.10 9.05
C ALA B 384 -11.85 14.09 8.25
N SER B 385 -11.93 13.88 6.94
CA SER B 385 -12.70 14.78 6.09
C SER B 385 -14.20 14.67 6.39
N GLN B 386 -14.69 13.46 6.67
CA GLN B 386 -16.10 13.31 7.00
C GLN B 386 -16.45 14.01 8.32
N PHE B 387 -15.63 13.81 9.35
CA PHE B 387 -15.84 14.44 10.65
C PHE B 387 -15.87 15.97 10.51
N TYR B 388 -14.85 16.51 9.81
CA TYR B 388 -14.83 17.92 9.45
C TYR B 388 -16.14 18.34 8.79
N GLN B 389 -16.56 17.62 7.75
CA GLN B 389 -17.73 18.02 6.97
C GLN B 389 -18.98 18.00 7.83
N LEU B 390 -19.14 16.96 8.64
CA LEU B 390 -20.29 16.84 9.53
C LEU B 390 -20.43 18.07 10.42
N LEU B 391 -19.30 18.51 11.01
CA LEU B 391 -19.39 19.66 11.90
C LEU B 391 -19.55 20.97 11.13
N ALA B 392 -18.83 21.11 10.03
CA ALA B 392 -18.60 22.44 9.47
C ALA B 392 -19.48 22.78 8.29
N GLU B 393 -19.95 21.79 7.51
CA GLU B 393 -20.73 22.14 6.34
C GLU B 393 -21.96 22.95 6.69
N PRO B 394 -22.70 22.65 7.78
CA PRO B 394 -23.76 23.56 8.20
C PRO B 394 -23.32 25.01 8.38
N LEU B 395 -22.11 25.24 8.90
CA LEU B 395 -21.66 26.63 9.08
C LEU B 395 -21.36 27.30 7.75
N ASP B 396 -20.86 26.55 6.77
CA ASP B 396 -20.62 27.14 5.45
C ASP B 396 -21.94 27.43 4.75
N ILE B 397 -22.93 26.57 4.96
CA ILE B 397 -24.27 26.81 4.47
C ILE B 397 -24.86 28.08 5.11
N ALA B 398 -24.72 28.19 6.43
CA ALA B 398 -25.27 29.35 7.13
C ALA B 398 -24.57 30.63 6.68
N ASN B 399 -23.25 30.57 6.48
CA ASN B 399 -22.55 31.75 6.01
C ASN B 399 -23.01 32.15 4.62
N PHE B 400 -23.29 31.16 3.76
CA PHE B 400 -23.78 31.48 2.43
C PHE B 400 -25.14 32.16 2.51
N TYR B 401 -26.09 31.57 3.24
CA TYR B 401 -27.42 32.14 3.35
C TYR B 401 -27.45 33.47 4.11
N LYS B 402 -26.50 33.71 5.01
CA LYS B 402 -26.46 34.98 5.71
C LYS B 402 -25.78 36.07 4.90
N ASN B 403 -24.97 35.72 3.91
CA ASN B 403 -24.31 36.75 3.11
C ASN B 403 -25.00 37.02 1.78
N ARG B 404 -25.97 36.20 1.37
CA ARG B 404 -26.46 36.26 0.00
C ARG B 404 -27.33 37.49 -0.26
N ASP B 405 -27.44 37.84 -1.54
CA ASP B 405 -28.21 39.00 -1.99
C ASP B 405 -29.72 38.81 -1.88
N ILE B 406 -30.19 37.57 -1.69
CA ILE B 406 -31.63 37.24 -1.62
C ILE B 406 -32.30 37.35 -2.99
N GLY B 409 -28.36 36.06 -6.00
CA GLY B 409 -28.60 35.35 -4.75
C GLY B 409 -29.24 33.99 -4.94
N GLY B 410 -28.43 32.99 -5.28
CA GLY B 410 -28.94 31.66 -5.56
C GLY B 410 -29.16 30.83 -4.32
N HIS B 411 -29.23 29.52 -4.51
CA HIS B 411 -29.30 28.56 -3.42
C HIS B 411 -27.97 27.80 -3.32
N TYR B 412 -27.66 27.36 -2.09
CA TYR B 412 -26.41 26.65 -1.82
C TYR B 412 -26.20 25.49 -2.78
N LEU B 413 -27.10 24.50 -2.72
CA LEU B 413 -27.10 23.33 -3.60
C LEU B 413 -27.31 23.65 -5.08
N GLU B 414 -27.39 24.93 -5.47
CA GLU B 414 -27.62 25.28 -6.88
C GLU B 414 -26.36 25.87 -7.48
N GLY B 415 -25.31 25.07 -7.59
CA GLY B 415 -24.03 25.56 -8.07
C GLY B 415 -23.26 26.42 -7.10
N ASN B 416 -23.64 26.43 -5.80
CA ASN B 416 -22.97 27.25 -4.80
C ASN B 416 -22.31 26.43 -3.69
N ARG B 417 -22.31 25.10 -3.81
CA ARG B 417 -21.63 24.27 -2.82
C ARG B 417 -20.14 24.28 -3.09
N PRO B 418 -19.30 24.55 -2.08
CA PRO B 418 -17.85 24.50 -2.30
C PRO B 418 -17.41 23.14 -2.84
N LYS B 419 -16.47 23.18 -3.78
CA LYS B 419 -15.96 21.97 -4.43
C LYS B 419 -15.54 20.91 -3.40
N ARG B 420 -14.78 21.36 -2.38
CA ARG B 420 -14.20 20.43 -1.42
C ARG B 420 -15.24 19.52 -0.81
N TYR B 421 -16.48 19.99 -0.64
CA TYR B 421 -17.50 19.13 -0.05
C TYR B 421 -17.99 18.07 -1.03
N GLU B 422 -18.01 18.39 -2.32
CA GLU B 422 -18.32 17.37 -3.32
C GLU B 422 -17.23 16.30 -3.35
N VAL B 423 -15.96 16.71 -3.28
CA VAL B 423 -14.86 15.75 -3.24
C VAL B 423 -14.95 14.89 -1.97
N ILE B 424 -15.20 15.51 -0.82
CA ILE B 424 -15.34 14.73 0.42
C ILE B 424 -16.45 13.70 0.27
N ASP B 425 -17.56 14.12 -0.35
CA ASP B 425 -18.67 13.22 -0.61
C ASP B 425 -18.20 12.00 -1.37
N LYS B 426 -17.46 12.23 -2.46
CA LYS B 426 -16.98 11.10 -3.26
C LYS B 426 -16.00 10.22 -2.49
N TRP B 427 -15.12 10.82 -1.68
CA TRP B 427 -14.21 10.04 -0.85
C TRP B 427 -14.96 9.08 0.05
N GLN B 428 -16.16 9.46 0.51
CA GLN B 428 -16.91 8.59 1.41
C GLN B 428 -17.21 7.21 0.81
N LYS B 429 -17.08 7.03 -0.51
CA LYS B 429 -17.34 5.73 -1.11
C LYS B 429 -16.17 4.75 -0.99
N GLY B 430 -14.97 5.22 -0.63
CA GLY B 430 -13.85 4.33 -0.35
C GLY B 430 -13.98 3.51 0.92
N VAL B 431 -15.11 3.61 1.61
CA VAL B 431 -15.38 2.79 2.78
C VAL B 431 -16.78 2.22 2.63
N LYS B 432 -16.95 0.98 3.13
CA LYS B 432 -18.15 0.51 3.80
C LYS B 432 -19.26 1.56 3.96
N VAL B 433 -20.51 1.20 3.67
CA VAL B 433 -21.62 1.99 4.23
C VAL B 433 -22.92 1.18 4.38
N PRO B 434 -22.88 -0.07 4.88
CA PRO B 434 -23.96 -0.49 5.81
C PRO B 434 -23.65 -0.14 7.26
N GLU B 435 -23.74 -1.13 8.13
CA GLU B 435 -23.55 -0.94 9.57
C GLU B 435 -24.53 0.09 10.13
N GLU B 436 -25.82 -0.13 9.85
CA GLU B 436 -26.84 0.63 10.55
C GLU B 436 -26.89 0.16 11.99
N CYS B 437 -26.54 1.03 12.93
CA CYS B 437 -26.56 0.68 14.34
C CYS B 437 -27.87 1.16 14.97
N VAL B 438 -28.31 0.45 16.00
CA VAL B 438 -29.43 0.93 16.79
C VAL B 438 -29.00 2.23 17.47
N ARG B 439 -29.66 3.33 17.12
CA ARG B 439 -29.34 4.62 17.71
C ARG B 439 -30.16 4.81 18.99
N SER B 440 -29.47 5.21 20.07
CA SER B 440 -30.11 5.42 21.36
C SER B 440 -30.48 6.87 21.61
N ARG B 441 -30.03 7.78 20.75
CA ARG B 441 -30.28 9.21 20.87
C ARG B 441 -29.93 9.84 19.54
N TYR B 442 -30.17 11.14 19.42
CA TYR B 442 -29.80 11.85 18.19
C TYR B 442 -28.30 11.71 17.92
N ALA B 443 -27.96 11.58 16.65
CA ALA B 443 -26.56 11.56 16.24
C ALA B 443 -25.85 12.84 16.69
N SER B 444 -24.54 12.74 16.92
CA SER B 444 -23.79 13.91 17.37
C SER B 444 -23.90 15.06 16.38
N THR B 445 -23.95 14.74 15.09
CA THR B 445 -24.06 15.73 14.03
C THR B 445 -25.03 15.20 12.98
N THR B 446 -25.82 16.10 12.39
CA THR B 446 -26.82 15.66 11.43
C THR B 446 -26.14 14.94 10.27
N GLN B 447 -26.61 13.73 9.98
CA GLN B 447 -25.84 12.81 9.15
C GLN B 447 -25.83 13.24 7.69
N ASP B 448 -26.92 13.86 7.23
CA ASP B 448 -26.92 14.54 5.95
C ASP B 448 -26.30 15.91 6.18
N THR B 449 -25.11 16.15 5.60
CA THR B 449 -24.43 17.40 5.88
C THR B 449 -24.95 18.54 5.04
N CYS B 450 -25.94 18.30 4.18
CA CYS B 450 -26.60 19.37 3.42
C CYS B 450 -28.03 19.61 3.88
N PHE B 451 -28.41 19.02 5.02
CA PHE B 451 -29.78 19.13 5.53
C PHE B 451 -30.27 20.57 5.62
N TRP B 452 -29.42 21.48 6.11
CA TRP B 452 -29.86 22.84 6.31
C TRP B 452 -30.06 23.58 4.99
N ALA B 453 -29.24 23.29 3.98
CA ALA B 453 -29.49 23.88 2.66
C ALA B 453 -30.85 23.46 2.12
N LYS B 454 -31.14 22.15 2.23
CA LYS B 454 -32.44 21.64 1.81
C LYS B 454 -33.58 22.31 2.57
N LEU B 455 -33.40 22.50 3.88
CA LEU B 455 -34.43 23.16 4.69
C LEU B 455 -34.65 24.59 4.22
N GLU B 456 -33.58 25.28 3.85
CA GLU B 456 -33.77 26.66 3.40
C GLU B 456 -34.58 26.70 2.12
N GLN B 457 -34.33 25.74 1.22
CA GLN B 457 -35.14 25.67 0.00
C GLN B 457 -36.60 25.35 0.32
N ALA B 458 -36.83 24.42 1.24
CA ALA B 458 -38.21 24.11 1.64
C ALA B 458 -38.88 25.32 2.28
N LYS B 459 -38.12 26.17 2.96
CA LYS B 459 -38.69 27.40 3.53
C LYS B 459 -39.15 28.35 2.44
N GLU B 460 -38.29 28.60 1.45
CA GLU B 460 -38.69 29.45 0.33
C GLU B 460 -39.94 28.89 -0.36
N TRP B 461 -40.00 27.57 -0.53
CA TRP B 461 -41.15 26.99 -1.22
C TRP B 461 -42.42 27.09 -0.37
N LEU B 462 -42.29 26.97 0.96
CA LEU B 462 -43.47 27.15 1.80
C LEU B 462 -43.98 28.59 1.73
N ASP B 463 -43.07 29.56 1.63
CA ASP B 463 -43.52 30.95 1.49
C ASP B 463 -44.22 31.17 0.14
N GLU B 464 -43.62 30.69 -0.94
CA GLU B 464 -44.24 30.91 -2.25
C GLU B 464 -45.58 30.18 -2.34
N ALA B 465 -45.76 29.08 -1.60
CA ALA B 465 -47.09 28.50 -1.47
C ALA B 465 -47.96 29.22 -0.45
N ARG B 466 -47.38 30.10 0.36
CA ARG B 466 -48.21 31.03 1.12
C ARG B 466 -48.89 32.01 0.19
N LYS B 467 -48.19 32.44 -0.87
CA LYS B 467 -48.82 33.34 -1.84
C LYS B 467 -50.03 32.66 -2.49
N GLU B 468 -49.84 31.46 -3.04
CA GLU B 468 -50.93 30.50 -3.27
C GLU B 468 -51.92 30.91 -4.36
N SER B 469 -53.00 31.59 -3.98
CA SER B 469 -54.21 31.73 -4.79
C SER B 469 -54.70 30.37 -5.27
N SER B 470 -54.06 29.83 -6.31
CA SER B 470 -54.42 28.53 -6.87
C SER B 470 -54.41 27.45 -5.80
N ASP B 471 -55.57 26.86 -5.55
CA ASP B 471 -55.68 25.82 -4.54
C ASP B 471 -55.32 24.42 -5.07
N PRO B 472 -55.36 24.17 -6.38
CA PRO B 472 -54.69 22.98 -6.91
C PRO B 472 -53.23 23.19 -7.35
N GLN B 473 -52.75 24.42 -7.48
CA GLN B 473 -51.32 24.62 -7.71
C GLN B 473 -50.54 24.75 -6.41
N ARG B 474 -51.17 25.22 -5.33
CA ARG B 474 -50.56 25.04 -4.02
C ARG B 474 -50.28 23.57 -3.74
N ARG B 475 -51.10 22.68 -4.31
CA ARG B 475 -50.95 21.26 -4.06
C ARG B 475 -49.72 20.73 -4.78
N SER B 476 -49.52 21.16 -6.02
CA SER B 476 -48.31 20.82 -6.75
C SER B 476 -47.09 21.15 -5.89
N LEU B 477 -46.94 22.42 -5.47
CA LEU B 477 -45.82 22.81 -4.63
C LEU B 477 -45.73 21.94 -3.38
N LEU B 478 -46.87 21.54 -2.83
CA LEU B 478 -46.84 20.68 -1.67
C LEU B 478 -46.62 19.21 -2.06
N ARG B 479 -47.31 18.74 -3.10
CA ARG B 479 -47.17 17.35 -3.55
C ARG B 479 -45.78 17.08 -4.11
N GLU B 480 -45.17 18.07 -4.75
CA GLU B 480 -43.91 17.92 -5.45
C GLU B 480 -42.70 18.43 -4.67
N LYS B 481 -42.81 19.58 -4.02
CA LYS B 481 -41.62 20.23 -3.48
C LYS B 481 -41.74 20.59 -2.00
N ILE B 482 -42.65 19.98 -1.24
CA ILE B 482 -42.74 20.29 0.18
C ILE B 482 -42.90 19.01 1.00
N VAL B 483 -43.98 18.26 0.73
CA VAL B 483 -44.21 17.02 1.48
C VAL B 483 -43.07 16.01 1.29
N PRO B 484 -42.45 15.86 0.11
CA PRO B 484 -41.27 14.99 0.02
C PRO B 484 -40.19 15.36 1.02
N PHE B 485 -39.82 16.64 1.09
CA PHE B 485 -38.86 17.05 2.10
C PHE B 485 -39.39 16.84 3.50
N GLU B 486 -40.71 17.01 3.72
CA GLU B 486 -41.25 16.83 5.06
C GLU B 486 -41.06 15.39 5.53
N SER B 487 -41.39 14.42 4.67
CA SER B 487 -41.24 13.03 5.09
C SER B 487 -39.78 12.60 5.12
N TYR B 488 -38.94 13.16 4.25
CA TYR B 488 -37.49 12.95 4.37
C TYR B 488 -37.02 13.35 5.76
N ALA B 489 -37.35 14.58 6.17
CA ALA B 489 -36.95 15.05 7.49
C ALA B 489 -37.53 14.17 8.59
N ASN B 490 -38.78 13.74 8.46
CA ASN B 490 -39.36 12.97 9.54
C ASN B 490 -38.77 11.56 9.63
N THR B 491 -38.26 11.03 8.52
CA THR B 491 -37.52 9.77 8.63
C THR B 491 -36.14 10.00 9.22
N LEU B 492 -35.49 11.12 8.88
CA LEU B 492 -34.21 11.44 9.51
C LEU B 492 -34.36 11.59 11.02
N VAL B 493 -35.45 12.24 11.46
CA VAL B 493 -35.75 12.36 12.87
C VAL B 493 -36.11 11.01 13.47
N THR B 494 -36.88 10.20 12.72
CA THR B 494 -37.32 8.89 13.21
C THR B 494 -36.14 7.97 13.48
N LYS B 495 -35.19 7.90 12.54
CA LYS B 495 -34.00 7.10 12.73
C LYS B 495 -32.93 7.79 13.55
N LYS B 496 -33.22 9.01 14.03
CA LYS B 496 -32.32 9.76 14.92
C LYS B 496 -31.02 10.15 14.22
N GLU B 497 -31.12 10.45 12.93
CA GLU B 497 -29.97 10.81 12.13
C GLU B 497 -29.77 12.32 12.03
N VAL B 498 -30.54 13.09 12.78
CA VAL B 498 -30.28 14.50 13.01
C VAL B 498 -29.63 14.65 14.38
N SER B 499 -28.90 15.74 14.57
CA SER B 499 -28.44 16.07 15.91
C SER B 499 -29.53 16.82 16.66
N LEU B 500 -29.35 16.91 17.98
CA LEU B 500 -30.40 17.50 18.81
C LEU B 500 -30.67 18.96 18.43
N ASP B 501 -29.66 19.68 17.94
CA ASP B 501 -29.85 21.09 17.60
C ASP B 501 -30.89 21.30 16.51
N VAL B 502 -31.24 20.26 15.77
CA VAL B 502 -32.26 20.40 14.74
C VAL B 502 -33.63 20.55 15.38
N LYS B 503 -33.84 19.87 16.51
CA LYS B 503 -35.11 19.91 17.22
C LYS B 503 -35.08 20.90 18.39
N ALA B 504 -34.21 21.91 18.33
CA ALA B 504 -34.27 22.99 19.30
C ALA B 504 -35.50 23.83 19.02
N LYS B 505 -36.17 24.26 20.10
CA LYS B 505 -37.52 24.84 19.97
C LYS B 505 -37.56 26.01 18.99
N ASN B 506 -36.52 26.86 18.98
CA ASN B 506 -36.47 28.00 18.07
C ASN B 506 -35.50 27.81 16.91
N SER B 507 -35.17 26.58 16.57
CA SER B 507 -34.42 26.41 15.33
C SER B 507 -35.35 26.60 14.16
N SER B 508 -34.79 26.94 13.01
CA SER B 508 -35.63 27.15 11.83
C SER B 508 -36.33 25.86 11.40
N TYR B 509 -35.83 24.69 11.82
CA TYR B 509 -36.57 23.46 11.49
C TYR B 509 -37.83 23.35 12.33
N SER B 510 -37.74 23.63 13.64
CA SER B 510 -38.93 23.58 14.48
C SER B 510 -39.96 24.62 14.04
N VAL B 511 -39.48 25.80 13.65
CA VAL B 511 -40.36 26.85 13.14
C VAL B 511 -41.04 26.40 11.85
N TRP B 512 -40.27 25.84 10.91
CA TRP B 512 -40.83 25.39 9.65
C TRP B 512 -41.82 24.25 9.84
N GLU B 513 -41.47 23.27 10.69
CA GLU B 513 -42.36 22.16 11.02
C GLU B 513 -43.70 22.68 11.57
N ALA B 514 -43.65 23.71 12.43
CA ALA B 514 -44.88 24.31 12.94
C ALA B 514 -45.69 24.99 11.82
N ASN B 515 -45.04 25.89 11.06
CA ASN B 515 -45.71 26.57 9.94
C ASN B 515 -46.40 25.57 9.02
N LEU B 516 -45.71 24.48 8.68
CA LEU B 516 -46.23 23.51 7.75
C LEU B 516 -47.39 22.72 8.33
N LYS B 517 -47.29 22.29 9.59
CA LYS B 517 -48.40 21.56 10.17
C LYS B 517 -49.65 22.43 10.21
N GLU B 518 -49.49 23.73 10.52
CA GLU B 518 -50.63 24.63 10.50
C GLU B 518 -51.19 24.80 9.09
N PHE B 519 -50.32 24.98 8.10
CA PHE B 519 -50.77 25.11 6.71
C PHE B 519 -51.49 23.86 6.24
N LYS B 520 -51.04 22.68 6.69
CA LYS B 520 -51.62 21.40 6.29
C LYS B 520 -52.97 21.15 6.94
N CYS B 521 -53.20 21.67 8.15
CA CYS B 521 -54.57 21.68 8.67
C CYS B 521 -55.48 22.55 7.81
N LYS B 522 -54.96 23.70 7.38
CA LYS B 522 -55.75 24.64 6.58
C LYS B 522 -56.37 23.95 5.37
N MET B 523 -55.58 23.19 4.62
CA MET B 523 -56.05 22.55 3.40
C MET B 523 -55.73 21.06 3.52
N GLY B 524 -56.75 20.24 3.74
CA GLY B 524 -56.68 18.82 3.95
C GLY B 524 -55.34 18.13 3.85
PB ADP C . -6.27 2.43 8.35
O1B ADP C . -7.48 1.56 8.48
O2B ADP C . -5.03 1.83 9.01
O3B ADP C . -6.04 2.88 6.90
PA ADP C . -6.32 4.26 10.63
O1A ADP C . -6.99 3.26 11.54
O2A ADP C . -4.89 4.64 10.89
O3A ADP C . -6.58 3.86 9.09
O5' ADP C . -7.12 5.66 10.72
C5' ADP C . -8.54 5.71 10.74
C4' ADP C . -8.96 6.90 11.60
O4' ADP C . -10.37 7.05 11.53
C3' ADP C . -8.66 6.64 13.09
O3' ADP C . -7.83 7.69 13.60
C2' ADP C . -9.99 6.67 13.81
O2' ADP C . -9.82 7.35 15.06
C1' ADP C . -10.83 7.44 12.83
N9 ADP C . -12.25 7.06 12.86
C8 ADP C . -12.74 5.80 12.97
N7 ADP C . -14.10 5.83 12.90
C5 ADP C . -14.49 7.11 12.75
C6 ADP C . -15.77 7.84 12.63
N6 ADP C . -16.95 7.17 12.67
N1 ADP C . -15.72 9.18 12.47
C2 ADP C . -14.55 9.85 12.45
N3 ADP C . -13.36 9.25 12.58
C4 ADP C . -13.26 7.91 12.72
C1 RP5 D . -10.84 7.07 16.02
O4 RP5 D . -11.92 7.94 15.73
C2 RP5 D . -10.34 7.54 17.38
O2 RP5 D . -11.22 7.07 18.42
C3 RP5 D . -10.52 9.04 17.29
O3 RP5 D . -10.82 9.57 18.57
C4 RP5 D . -11.71 9.20 16.38
C5 RP5 D . -11.50 10.34 15.37
O5 RP5 D . -11.48 11.61 16.02
P' RP5 D . -10.42 12.76 15.61
O1X RP5 D . -10.83 13.07 14.19
O2X RP5 D . -9.04 12.20 15.76
O3X RP5 D . -10.70 13.90 16.56
C TRS E . -12.37 27.81 24.73
C1 TRS E . -12.52 26.50 25.51
C2 TRS E . -13.23 27.65 23.47
C3 TRS E . -10.92 28.15 24.41
N TRS E . -12.90 28.94 25.55
O1 TRS E . -11.30 26.11 26.14
O2 TRS E . -12.67 28.45 22.43
O3 TRS E . -10.27 27.06 23.77
#